data_8QCL
#
_entry.id   8QCL
#
_cell.length_a   74.282
_cell.length_b   59.525
_cell.length_c   87.452
_cell.angle_alpha   90.00
_cell.angle_beta   101.55
_cell.angle_gamma   90.00
#
_symmetry.space_group_name_H-M   'P 1 21 1'
#
loop_
_entity.id
_entity.type
_entity.pdbx_description
1 polymer 'Putative acetyl xylan esterase'
2 non-polymer 'alpha-D-glucopyranuronic acid'
3 non-polymer DI(HYDROXYETHYL)ETHER
4 non-polymer 'CHLORIDE ION'
5 non-polymer 1,2-ETHANEDIOL
6 water water
#
_entity_poly.entity_id   1
_entity_poly.type   'polypeptide(L)'
_entity_poly.pdbx_seq_one_letter_code
;MGSSHHHHHHSSENLYFQGHSKSPRKDYAKLANYDESKVPQYTLPSVLMCHDGEMVQTKEQWEQKRRPEILNLFTTYMFG
KAPVLKHKLPCTVSRINEKALNGRATRKEITIQLTDDPQGPHIDLQLYLPNHVSGKIPVFLGISFMPNYTIYDDPDLSVP
EITDEKMKKRSFRGSMDKSWQLDKILEHGYGLATFCYNDVDPDFDDDFQNGVHPYYYEKGQNFPDPDQWGSIAAWAWGMS
RAMDYLETDKKVDAKKVAVIGHSRLGKTAVWAGASDPRFALVISGNSGCCGVAISRRCFGETVEAMNVRFPHWFCGNYKQ
FNDREKYLPFDQHELVALIAPRPIYIASAEEDNWSDQKGEFLGGKGAEPVYALYGLGGIGCEEMPPVDTPYMNGPIAYHN
RKGPHAVLPYDWEQFLRFADKYFKNK
;
_entity_poly.pdbx_strand_id   A,B
#
loop_
_chem_comp.id
_chem_comp.type
_chem_comp.name
_chem_comp.formula
CL non-polymer 'CHLORIDE ION' 'Cl -1'
EDO non-polymer 1,2-ETHANEDIOL 'C2 H6 O2'
GCU D-saccharide, alpha linking 'alpha-D-glucopyranuronic acid' 'C6 H10 O7'
PEG non-polymer DI(HYDROXYETHYL)ETHER 'C4 H10 O3'
#
# COMPACT_ATOMS: atom_id res chain seq x y z
N ARG A 25 -7.36 -3.73 21.86
CA ARG A 25 -5.88 -3.74 21.58
C ARG A 25 -5.26 -5.03 22.13
N LYS A 26 -4.95 -6.02 21.27
CA LYS A 26 -4.36 -7.32 21.69
C LYS A 26 -3.00 -7.07 22.35
N ASP A 27 -2.70 -7.76 23.44
CA ASP A 27 -1.34 -7.79 24.04
C ASP A 27 -0.51 -8.79 23.24
N TYR A 28 0.24 -8.27 22.26
CA TYR A 28 1.03 -9.03 21.26
C TYR A 28 2.23 -9.68 21.94
N ALA A 29 2.78 -9.07 22.99
CA ALA A 29 3.94 -9.61 23.74
C ALA A 29 3.56 -10.96 24.36
N LYS A 30 2.28 -11.22 24.65
CA LYS A 30 1.77 -12.48 25.24
C LYS A 30 1.72 -13.57 24.15
N LEU A 31 1.43 -13.16 22.92
CA LEU A 31 1.05 -14.04 21.78
C LEU A 31 2.28 -14.37 20.93
N ALA A 32 3.39 -13.68 21.16
CA ALA A 32 4.57 -13.71 20.28
C ALA A 32 5.32 -15.02 20.47
N ASN A 33 6.00 -15.47 19.42
CA ASN A 33 6.89 -16.64 19.49
C ASN A 33 8.29 -16.15 19.89
N TYR A 34 8.87 -16.77 20.92
CA TYR A 34 10.28 -16.57 21.29
C TYR A 34 10.99 -17.91 21.38
N ASP A 35 10.45 -18.91 20.70
CA ASP A 35 11.00 -20.29 20.67
C ASP A 35 11.62 -20.52 19.29
N GLU A 36 12.93 -20.65 19.25
CA GLU A 36 13.76 -20.68 18.03
C GLU A 36 13.40 -21.88 17.16
N SER A 37 13.00 -23.00 17.78
CA SER A 37 12.55 -24.24 17.08
C SER A 37 11.21 -24.01 16.36
N LYS A 38 10.48 -22.93 16.64
CA LYS A 38 9.15 -22.74 16.02
C LYS A 38 9.22 -21.62 14.98
N VAL A 39 10.41 -21.11 14.68
CA VAL A 39 10.62 -20.11 13.59
C VAL A 39 10.27 -20.81 12.27
N PRO A 40 9.38 -20.21 11.45
CA PRO A 40 8.93 -20.88 10.23
C PRO A 40 10.08 -21.00 9.22
N GLN A 41 9.98 -21.93 8.28
CA GLN A 41 10.82 -21.99 7.07
C GLN A 41 10.55 -20.73 6.26
N TYR A 42 11.58 -20.09 5.71
CA TYR A 42 11.39 -18.91 4.83
C TYR A 42 12.57 -18.82 3.87
N THR A 43 12.37 -18.12 2.76
CA THR A 43 13.42 -17.70 1.82
C THR A 43 13.49 -16.18 1.87
N LEU A 44 14.70 -15.65 2.00
CA LEU A 44 14.97 -14.21 1.88
C LEU A 44 14.84 -13.79 0.43
N PRO A 45 14.08 -12.71 0.10
CA PRO A 45 14.15 -12.09 -1.22
C PRO A 45 15.63 -11.89 -1.56
N SER A 46 16.04 -12.20 -2.78
CA SER A 46 17.45 -12.11 -3.21
C SER A 46 17.83 -10.64 -3.36
N VAL A 47 18.83 -10.19 -2.60
CA VAL A 47 19.31 -8.77 -2.63
C VAL A 47 19.97 -8.46 -3.98
N LEU A 48 20.59 -9.46 -4.59
CA LEU A 48 21.42 -9.32 -5.82
C LEU A 48 20.54 -9.42 -7.07
N MET A 49 19.30 -9.87 -6.97
CA MET A 49 18.44 -10.11 -8.17
C MET A 49 17.51 -8.92 -8.44
N CYS A 50 17.72 -8.24 -9.58
CA CYS A 50 16.88 -7.12 -10.05
C CYS A 50 15.46 -7.64 -10.38
N HIS A 51 14.48 -6.74 -10.40
CA HIS A 51 13.04 -7.06 -10.63
C HIS A 51 12.90 -7.81 -11.98
N ASP A 52 13.76 -7.54 -12.95
CA ASP A 52 13.69 -8.12 -14.32
C ASP A 52 14.54 -9.40 -14.41
N GLY A 53 15.20 -9.81 -13.32
CA GLY A 53 15.89 -11.12 -13.25
C GLY A 53 17.39 -10.97 -13.35
N GLU A 54 17.87 -9.84 -13.86
CA GLU A 54 19.33 -9.58 -13.95
C GLU A 54 19.98 -9.70 -12.57
N MET A 55 21.05 -10.50 -12.47
CA MET A 55 21.85 -10.71 -11.23
C MET A 55 22.96 -9.66 -11.18
N VAL A 56 23.24 -9.12 -10.00
CA VAL A 56 24.34 -8.13 -9.78
C VAL A 56 25.61 -8.94 -9.48
N GLN A 57 26.68 -8.72 -10.24
CA GLN A 57 28.04 -9.29 -10.01
C GLN A 57 29.01 -8.15 -9.69
N THR A 58 28.69 -6.93 -10.10
CA THR A 58 29.59 -5.75 -10.02
C THR A 58 28.96 -4.68 -9.13
N LYS A 59 29.80 -3.90 -8.46
CA LYS A 59 29.41 -2.69 -7.71
C LYS A 59 28.69 -1.73 -8.67
N GLU A 60 29.11 -1.65 -9.94
CA GLU A 60 28.53 -0.72 -10.95
C GLU A 60 27.05 -1.04 -11.12
N GLN A 61 26.69 -2.32 -11.30
CA GLN A 61 25.28 -2.78 -11.41
C GLN A 61 24.49 -2.43 -10.13
N TRP A 62 25.11 -2.66 -8.96
CA TRP A 62 24.53 -2.31 -7.64
C TRP A 62 24.17 -0.83 -7.62
N GLU A 63 25.15 0.02 -7.88
CA GLU A 63 24.99 1.49 -7.75
C GLU A 63 24.02 2.01 -8.83
N GLN A 64 24.08 1.50 -10.07
CA GLN A 64 23.36 2.11 -11.21
C GLN A 64 21.94 1.52 -11.31
N LYS A 65 21.73 0.26 -10.94
CA LYS A 65 20.45 -0.46 -11.18
C LYS A 65 19.79 -0.93 -9.87
N ARG A 66 20.45 -1.79 -9.09
CA ARG A 66 19.77 -2.58 -8.03
C ARG A 66 19.51 -1.72 -6.78
N ARG A 67 20.54 -1.06 -6.25
CA ARG A 67 20.39 -0.17 -5.07
C ARG A 67 19.19 0.76 -5.27
N PRO A 68 19.05 1.49 -6.40
CA PRO A 68 17.89 2.34 -6.66
C PRO A 68 16.52 1.63 -6.61
N GLU A 69 16.44 0.37 -7.07
N GLU A 69 16.44 0.37 -7.07
CA GLU A 69 15.23 -0.49 -6.97
CA GLU A 69 15.23 -0.49 -6.97
C GLU A 69 14.86 -0.72 -5.51
C GLU A 69 14.85 -0.70 -5.50
N ILE A 70 15.83 -1.14 -4.70
CA ILE A 70 15.65 -1.43 -3.25
C ILE A 70 15.28 -0.14 -2.53
N LEU A 71 16.00 0.97 -2.79
CA LEU A 71 15.70 2.25 -2.12
C LEU A 71 14.24 2.63 -2.42
N ASN A 72 13.83 2.50 -3.67
CA ASN A 72 12.44 2.85 -4.07
C ASN A 72 11.45 1.93 -3.33
N LEU A 73 11.73 0.64 -3.25
CA LEU A 73 10.84 -0.29 -2.52
C LEU A 73 10.65 0.18 -1.07
N PHE A 74 11.73 0.42 -0.34
CA PHE A 74 11.67 0.82 1.09
C PHE A 74 10.99 2.18 1.23
N THR A 75 11.19 3.08 0.27
CA THR A 75 10.63 4.45 0.33
C THR A 75 9.13 4.36 0.05
N THR A 76 8.73 3.48 -0.86
CA THR A 76 7.31 3.35 -1.31
C THR A 76 6.50 2.51 -0.33
N TYR A 77 7.04 1.39 0.15
CA TYR A 77 6.24 0.34 0.84
C TYR A 77 6.51 0.29 2.35
N MET A 78 7.56 0.94 2.89
CA MET A 78 7.88 0.84 4.34
C MET A 78 7.87 2.22 5.03
N PHE A 79 8.79 3.11 4.66
CA PHE A 79 9.07 4.35 5.42
C PHE A 79 8.20 5.48 4.89
N GLY A 80 8.09 5.60 3.57
CA GLY A 80 7.33 6.68 2.91
C GLY A 80 8.26 7.76 2.43
N LYS A 81 7.88 8.41 1.31
N LYS A 81 7.87 8.41 1.32
CA LYS A 81 8.62 9.56 0.73
CA LYS A 81 8.64 9.55 0.73
C LYS A 81 8.53 10.76 1.68
C LYS A 81 8.54 10.76 1.66
N ALA A 82 9.64 11.50 1.82
CA ALA A 82 9.72 12.76 2.59
C ALA A 82 9.87 13.91 1.61
N PRO A 83 9.52 15.16 1.99
CA PRO A 83 9.66 16.31 1.11
C PRO A 83 11.11 16.44 0.64
N VAL A 84 11.32 16.83 -0.61
CA VAL A 84 12.68 17.14 -1.11
C VAL A 84 12.72 18.66 -1.25
N LEU A 85 13.69 19.28 -0.60
CA LEU A 85 13.80 20.77 -0.55
CA LEU A 85 13.82 20.77 -0.53
C LEU A 85 14.67 21.25 -1.71
N LYS A 86 14.38 22.45 -2.20
CA LYS A 86 15.15 23.13 -3.26
C LYS A 86 16.27 23.96 -2.61
N HIS A 87 16.12 24.33 -1.33
CA HIS A 87 17.13 25.05 -0.50
C HIS A 87 17.11 24.58 0.95
N LYS A 88 18.27 24.60 1.61
CA LYS A 88 18.43 24.32 3.05
C LYS A 88 17.48 25.21 3.83
N LEU A 89 16.91 24.70 4.91
CA LEU A 89 15.92 25.41 5.75
C LEU A 89 16.66 26.51 6.50
N PRO A 90 15.97 27.57 6.96
CA PRO A 90 16.58 28.56 7.85
C PRO A 90 16.99 27.93 9.19
N CYS A 91 18.12 28.36 9.74
CA CYS A 91 18.50 28.09 11.15
C CYS A 91 19.28 29.29 11.68
N THR A 92 19.37 29.41 13.01
CA THR A 92 20.22 30.38 13.73
C THR A 92 20.95 29.61 14.83
N VAL A 93 22.18 30.03 15.11
CA VAL A 93 22.91 29.64 16.33
C VAL A 93 22.36 30.54 17.45
N SER A 94 21.57 30.00 18.36
CA SER A 94 20.85 30.74 19.42
C SER A 94 21.77 31.01 20.61
N ARG A 95 22.62 30.04 20.97
CA ARG A 95 23.53 30.13 22.12
C ARG A 95 24.83 29.42 21.76
N ILE A 96 25.95 29.98 22.21
CA ILE A 96 27.34 29.44 22.07
C ILE A 96 28.01 29.68 23.42
N ASN A 97 28.49 28.61 24.06
CA ASN A 97 29.38 28.66 25.24
C ASN A 97 30.67 27.93 24.88
N GLU A 98 31.71 28.67 24.49
CA GLU A 98 33.05 28.12 24.16
C GLU A 98 33.80 27.66 25.42
N LYS A 99 33.22 27.79 26.63
CA LYS A 99 33.85 27.36 27.91
C LYS A 99 32.97 26.34 28.64
N ALA A 100 32.09 25.63 27.93
CA ALA A 100 31.19 24.60 28.51
C ALA A 100 32.05 23.53 29.20
N LEU A 101 31.47 22.87 30.21
CA LEU A 101 32.09 21.75 30.98
C LEU A 101 33.49 22.15 31.44
N ASN A 102 33.60 23.30 32.12
CA ASN A 102 34.86 23.77 32.77
C ASN A 102 35.95 23.88 31.70
N GLY A 103 35.56 24.34 30.49
CA GLY A 103 36.44 24.58 29.33
C GLY A 103 36.75 23.35 28.51
N ARG A 104 36.17 22.18 28.84
CA ARG A 104 36.45 20.93 28.09
C ARG A 104 35.74 20.99 26.73
N ALA A 105 34.67 21.79 26.60
CA ALA A 105 33.80 21.69 25.42
C ALA A 105 33.32 23.07 24.99
N THR A 106 32.99 23.16 23.70
CA THR A 106 32.13 24.22 23.16
C THR A 106 30.74 23.61 23.03
N ARG A 107 29.74 24.29 23.55
N ARG A 107 29.73 24.28 23.58
CA ARG A 107 28.33 23.90 23.36
CA ARG A 107 28.30 23.92 23.40
C ARG A 107 27.64 24.99 22.53
C ARG A 107 27.65 24.99 22.53
N LYS A 108 26.96 24.60 21.45
CA LYS A 108 26.14 25.51 20.62
C LYS A 108 24.72 24.96 20.61
N GLU A 109 23.71 25.82 20.69
CA GLU A 109 22.30 25.47 20.40
C GLU A 109 21.94 26.10 19.06
N ILE A 110 21.44 25.29 18.14
CA ILE A 110 21.11 25.68 16.74
C ILE A 110 19.62 25.43 16.59
N THR A 111 18.84 26.45 16.26
CA THR A 111 17.38 26.30 16.04
C THR A 111 17.16 26.13 14.54
N ILE A 112 16.65 24.98 14.11
CA ILE A 112 16.43 24.72 12.67
C ILE A 112 14.92 24.78 12.41
N GLN A 113 14.51 25.71 11.57
CA GLN A 113 13.11 25.94 11.20
C GLN A 113 12.69 24.91 10.16
N LEU A 114 11.76 24.01 10.51
CA LEU A 114 11.39 22.81 9.71
C LEU A 114 10.37 23.17 8.62
N THR A 115 9.76 24.35 8.66
CA THR A 115 8.66 24.74 7.74
C THR A 115 8.85 26.21 7.36
N ASP A 116 7.93 26.76 6.55
CA ASP A 116 7.85 28.18 6.14
C ASP A 116 7.33 29.04 7.31
N ASP A 117 6.76 28.41 8.34
CA ASP A 117 6.21 29.09 9.54
C ASP A 117 7.32 29.19 10.58
N PRO A 118 7.75 30.41 10.95
CA PRO A 118 8.73 30.58 12.02
C PRO A 118 8.15 30.28 13.41
N GLN A 119 6.82 30.23 13.57
CA GLN A 119 6.11 29.83 14.82
CA GLN A 119 6.16 29.81 14.84
C GLN A 119 5.79 28.33 14.74
N GLY A 120 6.17 27.68 13.65
CA GLY A 120 5.99 26.23 13.50
C GLY A 120 7.11 25.45 14.18
N PRO A 121 7.16 24.13 13.92
CA PRO A 121 8.15 23.25 14.55
C PRO A 121 9.59 23.55 14.13
N HIS A 122 10.51 23.42 15.08
CA HIS A 122 11.96 23.62 14.94
C HIS A 122 12.68 22.42 15.52
N ILE A 123 13.82 22.06 14.94
CA ILE A 123 14.77 21.20 15.67
C ILE A 123 15.57 22.14 16.56
N ASP A 124 15.63 21.84 17.86
CA ASP A 124 16.54 22.51 18.82
C ASP A 124 17.72 21.55 18.98
N LEU A 125 18.74 21.78 18.17
CA LEU A 125 19.94 20.92 18.08
C LEU A 125 20.96 21.43 19.10
N GLN A 126 21.52 20.52 19.88
CA GLN A 126 22.60 20.79 20.84
C GLN A 126 23.85 20.10 20.30
N LEU A 127 24.94 20.83 20.18
CA LEU A 127 26.21 20.32 19.63
C LEU A 127 27.28 20.58 20.68
N TYR A 128 27.91 19.51 21.15
CA TYR A 128 29.10 19.54 22.02
C TYR A 128 30.31 19.20 21.15
N LEU A 129 31.30 20.07 21.13
CA LEU A 129 32.58 19.83 20.43
C LEU A 129 33.69 19.91 21.46
N PRO A 130 34.69 19.00 21.42
CA PRO A 130 35.79 19.04 22.39
C PRO A 130 36.66 20.25 22.07
N ASN A 131 37.01 21.04 23.08
CA ASN A 131 38.06 22.08 22.98
C ASN A 131 39.43 21.40 22.91
N HIS A 132 40.48 22.14 22.55
CA HIS A 132 41.91 21.69 22.57
C HIS A 132 42.18 20.63 21.48
N VAL A 133 41.34 20.55 20.44
CA VAL A 133 41.43 19.60 19.31
C VAL A 133 41.57 20.40 18.00
N SER A 134 42.57 20.10 17.18
CA SER A 134 42.98 20.97 16.03
C SER A 134 42.11 20.78 14.79
N GLY A 135 41.93 19.56 14.30
CA GLY A 135 41.31 19.36 12.98
C GLY A 135 39.84 19.78 12.94
N LYS A 136 39.17 19.51 11.82
CA LYS A 136 37.70 19.35 11.77
C LYS A 136 37.37 18.10 12.61
N ILE A 137 36.25 18.13 13.34
CA ILE A 137 35.94 17.12 14.39
C ILE A 137 34.84 16.18 13.90
N PRO A 138 35.06 14.85 13.98
CA PRO A 138 34.01 13.89 13.71
C PRO A 138 32.88 14.04 14.74
N VAL A 139 31.64 13.81 14.34
CA VAL A 139 30.45 14.11 15.18
C VAL A 139 29.51 12.91 15.12
N PHE A 140 29.07 12.44 16.28
CA PHE A 140 27.88 11.56 16.43
C PHE A 140 26.65 12.46 16.41
N LEU A 141 25.79 12.22 15.45
CA LEU A 141 24.44 12.84 15.38
C LEU A 141 23.48 11.80 15.96
N GLY A 142 22.98 12.08 17.15
CA GLY A 142 22.00 11.23 17.84
C GLY A 142 20.65 11.88 17.80
N ILE A 143 19.63 11.05 17.84
CA ILE A 143 18.23 11.51 18.04
C ILE A 143 17.79 10.89 19.37
N SER A 144 17.22 11.70 20.26
CA SER A 144 16.96 11.29 21.66
C SER A 144 15.45 11.22 21.91
N PHE A 145 15.09 10.43 22.91
CA PHE A 145 13.69 10.27 23.41
C PHE A 145 13.27 11.53 24.16
N MET A 146 14.23 12.23 24.76
CA MET A 146 13.89 13.31 25.69
C MET A 146 14.69 14.57 25.37
N PRO A 147 14.33 15.72 25.96
CA PRO A 147 14.95 16.99 25.64
C PRO A 147 16.46 17.02 25.92
N ASN A 148 17.09 18.02 25.33
CA ASN A 148 18.57 18.20 25.27
C ASN A 148 19.18 18.15 26.68
N TYR A 149 18.48 18.63 27.72
CA TYR A 149 19.07 18.75 29.08
C TYR A 149 19.30 17.37 29.67
N THR A 150 18.69 16.31 29.11
CA THR A 150 18.76 14.93 29.68
C THR A 150 20.06 14.23 29.25
N ILE A 151 20.78 14.80 28.29
CA ILE A 151 21.93 14.16 27.59
C ILE A 151 23.15 14.11 28.54
N TYR A 152 23.42 15.20 29.24
CA TYR A 152 24.56 15.34 30.16
C TYR A 152 24.14 16.21 31.34
N ASP A 153 24.71 15.89 32.52
CA ASP A 153 24.63 16.76 33.72
C ASP A 153 25.51 18.00 33.47
N ASP A 154 25.04 18.88 32.58
CA ASP A 154 25.70 20.15 32.20
C ASP A 154 25.15 21.20 33.15
N PRO A 155 26.00 21.78 34.04
CA PRO A 155 25.54 22.79 35.00
C PRO A 155 25.00 24.14 34.47
N ASP A 156 25.17 24.48 33.18
CA ASP A 156 24.61 25.72 32.58
C ASP A 156 23.23 25.44 31.94
N LEU A 157 22.63 24.26 32.15
CA LEU A 157 21.27 23.96 31.64
C LEU A 157 20.30 23.74 32.80
N SER A 158 19.00 23.84 32.51
CA SER A 158 17.88 23.85 33.50
C SER A 158 16.67 23.10 32.92
N VAL A 159 15.95 22.39 33.79
CA VAL A 159 14.84 21.44 33.47
C VAL A 159 13.66 22.21 32.84
N SER A 171 12.69 14.67 32.15
CA SER A 171 12.89 14.00 33.46
C SER A 171 13.70 14.94 34.37
N PHE A 172 15.04 14.87 34.34
CA PHE A 172 15.96 15.77 35.08
C PHE A 172 17.32 15.82 34.35
N ARG A 173 18.13 16.85 34.66
CA ARG A 173 19.44 17.11 34.01
C ARG A 173 20.29 15.85 33.97
N GLY A 174 20.77 15.47 32.80
CA GLY A 174 21.71 14.35 32.59
C GLY A 174 21.12 12.99 32.94
N SER A 175 19.79 12.86 33.00
CA SER A 175 19.09 11.60 33.34
C SER A 175 19.47 10.48 32.36
N MET A 176 19.84 10.80 31.13
CA MET A 176 20.13 9.79 30.08
C MET A 176 21.63 9.75 29.82
N ASP A 177 22.46 10.28 30.72
CA ASP A 177 23.93 10.30 30.54
C ASP A 177 24.43 8.91 30.13
N LYS A 178 23.95 7.85 30.78
CA LYS A 178 24.47 6.47 30.58
C LYS A 178 24.23 6.01 29.13
N SER A 179 23.26 6.59 28.41
CA SER A 179 22.91 6.22 27.02
C SER A 179 23.68 7.04 25.98
N TRP A 180 24.41 8.08 26.39
CA TRP A 180 25.06 9.05 25.49
C TRP A 180 26.58 9.13 25.75
N GLN A 181 27.04 8.97 26.99
CA GLN A 181 28.49 8.89 27.32
C GLN A 181 29.28 10.01 26.62
N LEU A 182 28.87 11.26 26.82
CA LEU A 182 29.52 12.45 26.22
C LEU A 182 31.02 12.48 26.60
N ASP A 183 31.36 12.13 27.85
CA ASP A 183 32.75 12.15 28.37
C ASP A 183 33.63 11.27 27.50
N LYS A 184 33.11 10.09 27.14
CA LYS A 184 33.84 9.10 26.33
C LYS A 184 33.99 9.60 24.90
N ILE A 185 32.94 10.24 24.35
CA ILE A 185 32.93 10.81 22.99
C ILE A 185 34.02 11.92 22.90
N LEU A 186 33.95 12.90 23.80
CA LEU A 186 34.95 13.99 23.96
C LEU A 186 36.34 13.40 24.16
N GLU A 187 36.50 12.36 24.98
CA GLU A 187 37.83 11.74 25.24
C GLU A 187 38.43 11.26 23.90
N HIS A 188 37.61 10.84 22.95
CA HIS A 188 38.07 10.34 21.63
C HIS A 188 38.28 11.50 20.63
N GLY A 189 38.12 12.77 21.02
CA GLY A 189 38.28 13.90 20.09
C GLY A 189 37.10 13.98 19.12
N TYR A 190 35.95 13.42 19.52
CA TYR A 190 34.68 13.45 18.74
C TYR A 190 33.69 14.38 19.45
N GLY A 191 32.71 14.87 18.70
CA GLY A 191 31.68 15.78 19.23
C GLY A 191 30.35 15.05 19.18
N LEU A 192 29.35 15.56 19.85
CA LEU A 192 28.01 14.94 19.87
C LEU A 192 27.00 16.01 19.54
N ALA A 193 26.07 15.70 18.62
CA ALA A 193 24.94 16.57 18.26
C ALA A 193 23.67 15.75 18.48
N THR A 194 22.70 16.26 19.24
CA THR A 194 21.42 15.53 19.48
C THR A 194 20.27 16.50 19.44
N PHE A 195 19.10 15.98 19.11
CA PHE A 195 17.80 16.68 19.22
C PHE A 195 16.76 15.64 19.59
N CYS A 196 15.73 16.12 20.25
CA CYS A 196 14.58 15.31 20.67
C CYS A 196 13.69 15.06 19.46
N TYR A 197 13.30 13.81 19.27
CA TYR A 197 12.51 13.40 18.10
C TYR A 197 11.14 14.10 18.12
N ASN A 198 10.57 14.40 19.30
CA ASN A 198 9.27 15.13 19.46
CA ASN A 198 9.25 15.09 19.41
C ASN A 198 9.34 16.48 18.75
N ASP A 199 10.53 17.04 18.57
CA ASP A 199 10.72 18.33 17.85
C ASP A 199 10.12 18.25 16.42
N VAL A 200 10.28 17.13 15.73
CA VAL A 200 9.89 16.97 14.30
C VAL A 200 8.43 16.52 14.24
N ASP A 201 8.11 15.46 14.98
CA ASP A 201 6.76 14.84 14.96
C ASP A 201 6.54 14.16 16.30
N PRO A 202 5.53 14.57 17.08
CA PRO A 202 5.22 13.88 18.33
C PRO A 202 4.90 12.40 18.13
N ASP A 203 5.46 11.60 19.01
CA ASP A 203 5.32 10.13 18.99
C ASP A 203 3.99 9.76 19.64
N PHE A 204 2.87 10.05 18.98
CA PHE A 204 1.55 9.51 19.36
C PHE A 204 0.64 9.61 18.14
N ASP A 205 -0.35 8.73 18.08
CA ASP A 205 -1.21 8.58 16.88
C ASP A 205 -2.30 9.66 16.90
N ASP A 206 -1.99 10.84 16.35
CA ASP A 206 -2.88 12.03 16.25
C ASP A 206 -3.27 12.23 14.79
N ASP A 207 -3.24 11.18 13.98
CA ASP A 207 -3.66 11.21 12.56
C ASP A 207 -2.90 12.33 11.81
N PHE A 208 -1.66 12.57 12.22
CA PHE A 208 -0.68 13.45 11.53
C PHE A 208 -1.26 14.86 11.35
N GLN A 209 -1.88 15.40 12.40
CA GLN A 209 -2.44 16.78 12.37
C GLN A 209 -1.53 17.72 13.16
N ASN A 210 -0.49 17.18 13.81
CA ASN A 210 0.59 17.95 14.51
C ASN A 210 1.95 17.63 13.87
N GLY A 211 3.01 18.32 14.31
CA GLY A 211 4.39 18.10 13.80
C GLY A 211 4.53 18.65 12.39
N VAL A 212 5.54 18.20 11.64
CA VAL A 212 5.83 18.76 10.28
C VAL A 212 4.78 18.31 9.25
N HIS A 213 4.13 17.17 9.44
CA HIS A 213 3.26 16.55 8.39
C HIS A 213 2.29 17.54 7.74
N PRO A 214 1.37 18.16 8.52
CA PRO A 214 0.33 19.01 7.93
C PRO A 214 0.92 20.21 7.18
N TYR A 215 2.16 20.61 7.44
CA TYR A 215 2.81 21.72 6.69
C TYR A 215 3.18 21.30 5.27
N TYR A 216 3.25 20.00 4.98
CA TYR A 216 3.62 19.51 3.64
C TYR A 216 2.42 18.83 2.98
N TYR A 217 1.20 19.13 3.40
CA TYR A 217 -0.03 18.70 2.67
C TYR A 217 -0.30 19.65 1.49
N GLU A 218 -0.80 19.11 0.37
CA GLU A 218 -1.44 19.90 -0.71
C GLU A 218 -2.78 20.43 -0.18
N LYS A 219 -3.37 21.42 -0.85
CA LYS A 219 -4.58 22.15 -0.35
C LYS A 219 -5.76 21.19 -0.36
N GLY A 220 -5.77 20.17 -1.23
CA GLY A 220 -6.82 19.13 -1.28
C GLY A 220 -6.48 17.86 -0.50
N GLN A 221 -5.61 17.93 0.52
CA GLN A 221 -5.06 16.74 1.24
C GLN A 221 -5.06 16.99 2.76
N ASN A 222 -5.60 16.04 3.54
CA ASN A 222 -5.68 16.13 5.02
C ASN A 222 -4.89 14.99 5.69
N PHE A 223 -4.12 14.23 4.92
CA PHE A 223 -3.49 12.98 5.40
C PHE A 223 -2.38 12.60 4.42
N PRO A 224 -1.27 11.99 4.87
CA PRO A 224 -0.25 11.55 3.93
C PRO A 224 -0.88 10.57 2.96
N ASP A 225 -0.44 10.61 1.71
CA ASP A 225 -0.72 9.55 0.73
C ASP A 225 -0.12 8.26 1.28
N PRO A 226 -0.62 7.09 0.83
CA PRO A 226 -0.07 5.81 1.30
C PRO A 226 1.44 5.64 1.12
N ASP A 227 2.02 6.29 0.14
CA ASP A 227 3.49 6.17 -0.14
C ASP A 227 4.28 7.33 0.48
N GLN A 228 3.66 8.18 1.31
CA GLN A 228 4.33 9.34 1.96
C GLN A 228 4.71 9.03 3.42
N TRP A 229 5.67 9.79 3.92
CA TRP A 229 6.30 9.58 5.24
C TRP A 229 5.27 9.41 6.37
N GLY A 230 5.45 8.40 7.21
CA GLY A 230 5.01 8.42 8.61
C GLY A 230 6.09 9.05 9.47
N SER A 231 6.08 8.71 10.76
CA SER A 231 6.85 9.35 11.85
C SER A 231 8.34 9.03 11.73
N ILE A 232 8.69 7.78 11.48
CA ILE A 232 10.10 7.34 11.43
C ILE A 232 10.80 8.06 10.26
N ALA A 233 10.15 8.17 9.10
CA ALA A 233 10.69 8.86 7.92
C ALA A 233 10.82 10.36 8.20
N ALA A 234 9.88 10.96 8.95
CA ALA A 234 9.99 12.37 9.37
C ALA A 234 11.18 12.53 10.34
N TRP A 235 11.33 11.64 11.31
CA TRP A 235 12.41 11.72 12.30
C TRP A 235 13.73 11.65 11.55
N ALA A 236 13.82 10.74 10.59
CA ALA A 236 15.02 10.46 9.78
C ALA A 236 15.33 11.70 8.91
N TRP A 237 14.32 12.28 8.28
CA TRP A 237 14.40 13.56 7.53
C TRP A 237 14.89 14.68 8.47
N GLY A 238 14.42 14.70 9.73
CA GLY A 238 14.92 15.60 10.78
C GLY A 238 16.43 15.50 10.93
N MET A 239 16.98 14.30 10.99
CA MET A 239 18.45 14.05 11.09
C MET A 239 19.15 14.62 9.84
N SER A 240 18.51 14.56 8.68
CA SER A 240 19.08 15.09 7.41
C SER A 240 19.11 16.62 7.46
N ARG A 241 18.12 17.26 8.11
CA ARG A 241 18.12 18.74 8.29
C ARG A 241 19.22 19.12 9.29
N ALA A 242 19.40 18.37 10.37
CA ALA A 242 20.53 18.54 11.29
C ALA A 242 21.85 18.46 10.51
N MET A 243 22.03 17.45 9.66
CA MET A 243 23.27 17.25 8.86
C MET A 243 23.49 18.47 7.96
N ASP A 244 22.41 19.05 7.45
CA ASP A 244 22.45 20.26 6.59
C ASP A 244 23.09 21.40 7.40
N TYR A 245 22.81 21.54 8.69
CA TYR A 245 23.50 22.59 9.50
C TYR A 245 24.96 22.15 9.75
N LEU A 246 25.15 20.90 10.19
CA LEU A 246 26.47 20.39 10.61
C LEU A 246 27.50 20.63 9.49
N GLU A 247 27.10 20.47 8.24
CA GLU A 247 28.06 20.57 7.11
C GLU A 247 28.50 22.04 6.91
N THR A 248 27.80 23.04 7.46
CA THR A 248 28.18 24.47 7.36
C THR A 248 29.02 24.90 8.57
N ASP A 249 29.12 24.08 9.62
CA ASP A 249 29.89 24.40 10.85
C ASP A 249 31.36 24.11 10.57
N LYS A 250 32.23 25.11 10.64
CA LYS A 250 33.62 24.93 10.11
C LYS A 250 34.43 23.99 11.01
N LYS A 251 34.04 23.79 12.27
CA LYS A 251 34.72 22.84 13.20
C LYS A 251 34.31 21.38 12.95
N VAL A 252 33.17 21.11 12.30
CA VAL A 252 32.73 19.69 12.14
CA VAL A 252 32.65 19.72 12.09
C VAL A 252 33.28 19.12 10.83
N ASP A 253 33.75 17.87 10.91
CA ASP A 253 34.14 17.11 9.70
C ASP A 253 32.87 16.50 9.11
N ALA A 254 32.29 17.15 8.09
CA ALA A 254 31.08 16.73 7.35
C ALA A 254 31.25 15.32 6.74
N LYS A 255 32.49 14.89 6.53
CA LYS A 255 32.79 13.55 5.96
C LYS A 255 32.77 12.48 7.07
N LYS A 256 32.62 12.85 8.34
CA LYS A 256 32.76 11.92 9.48
C LYS A 256 31.64 12.16 10.47
N VAL A 257 30.40 12.08 9.99
CA VAL A 257 29.20 12.18 10.86
C VAL A 257 28.57 10.80 10.94
N ALA A 258 28.56 10.23 12.13
CA ALA A 258 27.84 8.99 12.49
C ALA A 258 26.40 9.34 12.87
N VAL A 259 25.46 8.51 12.47
CA VAL A 259 24.09 8.63 13.00
C VAL A 259 23.88 7.51 13.99
N ILE A 260 23.19 7.80 15.08
CA ILE A 260 22.93 6.80 16.14
C ILE A 260 21.56 7.06 16.73
N GLY A 261 20.86 5.97 17.02
CA GLY A 261 19.61 5.97 17.79
C GLY A 261 19.37 4.61 18.45
N HIS A 262 18.51 4.57 19.46
CA HIS A 262 18.13 3.32 20.15
C HIS A 262 16.66 2.99 19.86
N SER A 263 16.40 1.72 19.55
N SER A 263 16.34 1.69 19.69
CA SER A 263 15.04 1.15 19.40
CA SER A 263 14.96 1.14 19.54
C SER A 263 14.28 1.86 18.26
C SER A 263 14.25 1.79 18.35
N ARG A 264 13.17 2.57 18.53
CA ARG A 264 12.42 3.21 17.42
C ARG A 264 13.33 4.26 16.75
N LEU A 265 14.30 4.79 17.49
CA LEU A 265 15.28 5.79 16.97
C LEU A 265 16.49 5.08 16.37
N GLY A 266 16.68 3.79 16.65
CA GLY A 266 17.57 2.92 15.89
C GLY A 266 17.01 2.67 14.50
N LYS A 267 15.72 2.30 14.42
CA LYS A 267 15.02 2.15 13.12
C LYS A 267 15.27 3.43 12.30
N THR A 268 15.05 4.57 12.95
CA THR A 268 15.18 5.94 12.39
C THR A 268 16.62 6.14 11.90
N ALA A 269 17.62 5.85 12.73
CA ALA A 269 19.03 6.10 12.40
C ALA A 269 19.44 5.25 11.20
N VAL A 270 19.00 3.99 11.15
CA VAL A 270 19.29 3.11 9.99
C VAL A 270 18.65 3.69 8.72
N TRP A 271 17.41 4.18 8.78
CA TRP A 271 16.75 4.80 7.60
C TRP A 271 17.45 6.10 7.18
N ALA A 272 17.86 6.92 8.14
CA ALA A 272 18.62 8.15 7.89
C ALA A 272 19.89 7.77 7.12
N GLY A 273 20.62 6.78 7.59
CA GLY A 273 21.85 6.27 6.93
C GLY A 273 21.56 5.72 5.53
N ALA A 274 20.46 4.99 5.32
CA ALA A 274 20.16 4.35 4.01
C ALA A 274 19.72 5.41 3.01
N SER A 275 18.97 6.41 3.45
CA SER A 275 18.27 7.36 2.56
C SER A 275 19.13 8.61 2.37
N ASP A 276 20.14 8.80 3.20
CA ASP A 276 21.06 9.98 3.18
C ASP A 276 22.49 9.46 3.18
N PRO A 277 23.08 9.27 1.99
CA PRO A 277 24.45 8.74 1.86
C PRO A 277 25.57 9.61 2.45
N ARG A 278 25.27 10.84 2.89
CA ARG A 278 26.29 11.76 3.46
C ARG A 278 26.79 11.20 4.80
N PHE A 279 25.98 10.41 5.49
CA PHE A 279 26.34 9.82 6.82
C PHE A 279 27.41 8.75 6.61
N ALA A 280 28.52 8.88 7.36
CA ALA A 280 29.75 8.07 7.22
C ALA A 280 29.60 6.73 7.95
N LEU A 281 28.75 6.67 8.97
CA LEU A 281 28.70 5.50 9.88
C LEU A 281 27.33 5.43 10.54
N VAL A 282 26.77 4.23 10.64
CA VAL A 282 25.41 4.07 11.19
C VAL A 282 25.52 3.20 12.43
N ILE A 283 24.93 3.66 13.54
CA ILE A 283 24.79 2.80 14.75
C ILE A 283 23.32 2.48 15.01
N SER A 284 22.98 1.20 14.92
CA SER A 284 21.65 0.61 15.21
C SER A 284 21.66 0.06 16.66
N GLY A 285 21.16 0.84 17.61
CA GLY A 285 20.97 0.36 19.00
C GLY A 285 19.62 -0.34 19.17
N ASN A 286 19.60 -1.67 19.16
CA ASN A 286 18.40 -2.50 19.46
C ASN A 286 17.23 -2.10 18.56
N SER A 287 17.47 -1.91 17.26
CA SER A 287 16.48 -1.36 16.30
C SER A 287 15.37 -2.39 16.04
N GLY A 288 15.75 -3.67 16.03
CA GLY A 288 14.84 -4.83 16.06
C GLY A 288 13.88 -4.86 14.88
N CYS A 289 12.63 -5.17 15.17
CA CYS A 289 11.55 -5.38 14.16
C CYS A 289 11.39 -4.14 13.30
N CYS A 290 11.39 -4.31 11.97
CA CYS A 290 11.32 -3.20 10.98
C CYS A 290 12.54 -2.29 11.16
N GLY A 291 13.55 -2.75 11.88
CA GLY A 291 14.88 -2.13 11.95
C GLY A 291 15.84 -2.99 11.16
N VAL A 292 16.74 -3.70 11.81
CA VAL A 292 17.65 -4.60 11.04
C VAL A 292 17.24 -6.06 11.17
N ALA A 293 16.27 -6.41 12.01
CA ALA A 293 15.92 -7.83 12.24
C ALA A 293 15.10 -8.35 11.08
N ILE A 294 15.28 -9.63 10.75
N ILE A 294 15.32 -9.62 10.71
CA ILE A 294 14.61 -10.29 9.58
CA ILE A 294 14.62 -10.33 9.60
C ILE A 294 13.14 -10.53 9.94
C ILE A 294 13.14 -10.46 9.99
N SER A 295 12.24 -9.91 9.18
CA SER A 295 10.76 -9.95 9.37
C SER A 295 10.23 -11.37 9.25
N ARG A 296 10.75 -12.16 8.31
CA ARG A 296 10.19 -13.50 7.95
C ARG A 296 10.41 -14.50 9.08
N ARG A 297 11.29 -14.23 10.05
CA ARG A 297 11.45 -15.12 11.24
C ARG A 297 10.19 -15.04 12.12
N CYS A 298 9.40 -13.96 12.04
CA CYS A 298 8.15 -13.77 12.81
C CYS A 298 8.39 -14.00 14.31
N PHE A 299 9.54 -13.59 14.81
CA PHE A 299 10.07 -13.86 16.18
C PHE A 299 9.96 -12.60 17.01
N GLY A 300 9.36 -12.71 18.20
CA GLY A 300 9.03 -11.55 19.05
C GLY A 300 8.10 -10.62 18.31
N GLU A 301 8.50 -9.38 18.12
CA GLU A 301 7.65 -8.35 17.46
C GLU A 301 7.48 -8.71 15.98
N THR A 302 6.24 -8.60 15.50
CA THR A 302 5.87 -8.85 14.09
C THR A 302 5.44 -7.55 13.45
N VAL A 303 5.27 -7.55 12.13
CA VAL A 303 4.82 -6.35 11.37
C VAL A 303 3.45 -5.92 11.88
N GLU A 304 2.56 -6.88 12.15
CA GLU A 304 1.17 -6.56 12.59
C GLU A 304 1.22 -5.95 13.99
N ALA A 305 1.99 -6.51 14.92
CA ALA A 305 2.14 -5.95 16.28
C ALA A 305 2.63 -4.49 16.17
N MET A 306 3.60 -4.26 15.32
CA MET A 306 4.21 -2.93 15.06
C MET A 306 3.16 -1.94 14.53
N ASN A 307 2.48 -2.27 13.42
N ASN A 307 2.49 -2.29 13.42
CA ASN A 307 1.57 -1.31 12.76
CA ASN A 307 1.57 -1.39 12.69
C ASN A 307 0.32 -1.10 13.60
C ASN A 307 0.32 -1.13 13.55
N VAL A 308 -0.14 -2.13 14.32
CA VAL A 308 -1.36 -1.98 15.17
C VAL A 308 -1.02 -1.10 16.38
N ARG A 309 0.10 -1.30 17.06
CA ARG A 309 0.45 -0.50 18.25
C ARG A 309 0.95 0.88 17.84
N PHE A 310 1.64 1.02 16.71
CA PHE A 310 2.23 2.32 16.31
C PHE A 310 1.84 2.67 14.89
N PRO A 311 0.55 3.00 14.63
CA PRO A 311 0.05 3.17 13.27
C PRO A 311 0.66 4.35 12.53
N HIS A 312 1.29 5.27 13.26
CA HIS A 312 1.88 6.53 12.74
C HIS A 312 3.35 6.33 12.30
N TRP A 313 3.97 5.20 12.64
CA TRP A 313 5.45 5.00 12.53
C TRP A 313 5.87 4.82 11.07
N PHE A 314 5.18 3.95 10.35
CA PHE A 314 5.49 3.57 8.95
C PHE A 314 4.39 4.16 8.07
N CYS A 315 4.62 4.18 6.77
CA CYS A 315 3.69 4.75 5.77
C CYS A 315 2.44 3.85 5.70
N GLY A 316 1.39 4.35 5.06
CA GLY A 316 0.13 3.62 4.82
C GLY A 316 0.36 2.26 4.18
N ASN A 317 1.14 2.24 3.11
CA ASN A 317 1.42 1.02 2.30
C ASN A 317 1.88 -0.09 3.23
N TYR A 318 2.73 0.18 4.22
CA TYR A 318 3.37 -0.90 5.00
C TYR A 318 2.32 -1.73 5.76
N LYS A 319 1.15 -1.19 6.07
CA LYS A 319 0.05 -1.93 6.75
C LYS A 319 -0.42 -3.16 5.94
N GLN A 320 -0.19 -3.20 4.63
CA GLN A 320 -0.57 -4.37 3.80
C GLN A 320 0.16 -5.63 4.26
N PHE A 321 1.31 -5.50 4.95
CA PHE A 321 2.19 -6.65 5.26
C PHE A 321 1.86 -7.27 6.63
N ASN A 322 0.91 -6.69 7.36
CA ASN A 322 0.34 -7.24 8.62
C ASN A 322 0.03 -8.71 8.41
N ASP A 323 0.75 -9.59 9.10
CA ASP A 323 0.60 -11.08 9.07
C ASP A 323 0.82 -11.60 7.65
N ARG A 324 1.63 -10.91 6.85
CA ARG A 324 1.88 -11.23 5.42
C ARG A 324 3.35 -10.97 5.12
N GLU A 325 4.24 -11.28 6.06
CA GLU A 325 5.70 -11.09 5.95
C GLU A 325 6.24 -11.79 4.69
N LYS A 326 5.72 -12.96 4.35
CA LYS A 326 6.17 -13.75 3.18
C LYS A 326 5.95 -12.93 1.91
N TYR A 327 5.01 -11.97 1.94
CA TYR A 327 4.65 -11.16 0.76
C TYR A 327 5.44 -9.85 0.74
N LEU A 328 6.25 -9.55 1.75
CA LEU A 328 7.14 -8.36 1.69
C LEU A 328 7.99 -8.47 0.43
N PRO A 329 8.11 -7.41 -0.40
CA PRO A 329 9.00 -7.45 -1.57
C PRO A 329 10.49 -7.37 -1.22
N PHE A 330 10.79 -7.31 0.07
CA PHE A 330 12.17 -7.16 0.61
C PHE A 330 12.19 -7.85 1.97
N ASP A 331 13.38 -7.93 2.59
CA ASP A 331 13.50 -8.09 4.05
C ASP A 331 14.64 -7.17 4.52
N GLN A 332 14.85 -7.09 5.82
CA GLN A 332 15.66 -6.00 6.44
C GLN A 332 17.16 -6.16 6.15
N HIS A 333 17.60 -7.32 5.66
CA HIS A 333 19.00 -7.47 5.15
C HIS A 333 19.23 -6.51 3.97
N GLU A 334 18.17 -6.17 3.22
CA GLU A 334 18.29 -5.27 2.03
C GLU A 334 18.40 -3.82 2.49
N LEU A 335 17.87 -3.48 3.67
CA LEU A 335 17.96 -2.14 4.25
C LEU A 335 19.38 -1.94 4.75
N VAL A 336 20.00 -2.92 5.41
CA VAL A 336 21.44 -2.86 5.80
C VAL A 336 22.30 -2.72 4.54
N ALA A 337 21.93 -3.42 3.47
CA ALA A 337 22.62 -3.41 2.16
C ALA A 337 22.68 -1.99 1.61
N LEU A 338 21.72 -1.13 1.96
CA LEU A 338 21.67 0.29 1.48
C LEU A 338 22.74 1.13 2.15
N ILE A 339 23.35 0.64 3.22
CA ILE A 339 24.46 1.38 3.91
C ILE A 339 25.76 1.05 3.18
N ALA A 340 25.86 -0.11 2.56
CA ALA A 340 27.11 -0.53 1.88
C ALA A 340 27.54 0.54 0.89
N PRO A 341 28.84 0.87 0.79
CA PRO A 341 29.91 0.24 1.57
C PRO A 341 30.27 0.85 2.94
N ARG A 342 29.43 1.76 3.44
CA ARG A 342 29.70 2.48 4.70
C ARG A 342 29.46 1.53 5.87
N PRO A 343 30.22 1.71 6.98
CA PRO A 343 30.10 0.84 8.14
C PRO A 343 28.80 1.00 8.95
N ILE A 344 28.32 -0.12 9.47
CA ILE A 344 27.14 -0.17 10.37
C ILE A 344 27.53 -1.03 11.57
N TYR A 345 27.24 -0.56 12.77
CA TYR A 345 27.30 -1.33 14.03
C TYR A 345 25.87 -1.75 14.42
N ILE A 346 25.64 -3.06 14.52
CA ILE A 346 24.35 -3.65 14.98
C ILE A 346 24.54 -4.10 16.43
N ALA A 347 23.85 -3.48 17.38
CA ALA A 347 23.93 -3.83 18.81
C ALA A 347 22.61 -4.46 19.26
N SER A 348 22.69 -5.66 19.84
CA SER A 348 21.54 -6.35 20.50
C SER A 348 21.76 -6.34 22.02
N ALA A 349 20.70 -6.62 22.76
CA ALA A 349 20.72 -6.87 24.23
C ALA A 349 20.18 -8.29 24.48
N GLU A 350 20.84 -9.04 25.38
CA GLU A 350 20.54 -10.45 25.77
C GLU A 350 19.08 -10.59 26.23
N GLU A 351 18.52 -9.61 26.95
CA GLU A 351 17.16 -9.73 27.55
C GLU A 351 16.07 -9.30 26.56
N ASP A 352 16.44 -8.61 25.47
CA ASP A 352 15.53 -7.91 24.51
C ASP A 352 15.04 -8.88 23.43
N ASN A 353 14.30 -9.91 23.79
CA ASN A 353 13.90 -10.98 22.86
C ASN A 353 12.84 -10.46 21.87
N TRP A 354 12.14 -9.38 22.25
CA TRP A 354 11.13 -8.68 21.43
C TRP A 354 11.78 -8.22 20.12
N SER A 355 13.04 -7.77 20.21
N SER A 355 13.02 -7.75 20.20
CA SER A 355 13.82 -7.21 19.08
CA SER A 355 13.81 -7.19 19.06
C SER A 355 14.30 -8.31 18.14
C SER A 355 14.31 -8.31 18.14
N ASP A 356 14.33 -9.56 18.61
CA ASP A 356 14.83 -10.75 17.85
C ASP A 356 16.33 -10.57 17.55
N GLN A 357 17.18 -10.88 18.52
CA GLN A 357 18.63 -10.61 18.46
C GLN A 357 19.27 -11.41 17.33
N LYS A 358 18.89 -12.69 17.17
CA LYS A 358 19.39 -13.52 16.06
C LYS A 358 18.91 -12.93 14.72
N GLY A 359 17.62 -12.54 14.61
CA GLY A 359 17.12 -11.81 13.43
C GLY A 359 17.96 -10.58 13.12
N GLU A 360 18.42 -9.84 14.14
CA GLU A 360 19.24 -8.63 13.98
C GLU A 360 20.59 -9.05 13.43
N PHE A 361 21.19 -10.11 13.99
CA PHE A 361 22.47 -10.68 13.47
C PHE A 361 22.30 -11.04 12.00
N LEU A 362 21.19 -11.75 11.67
CA LEU A 362 20.95 -12.28 10.30
C LEU A 362 20.67 -11.16 9.29
N GLY A 363 20.09 -10.04 9.71
CA GLY A 363 19.99 -8.85 8.84
C GLY A 363 21.38 -8.42 8.39
N GLY A 364 22.34 -8.38 9.31
CA GLY A 364 23.71 -7.99 8.98
C GLY A 364 24.29 -9.01 8.04
N LYS A 365 24.23 -10.28 8.42
CA LYS A 365 24.74 -11.41 7.59
C LYS A 365 24.24 -11.30 6.16
N GLY A 366 22.94 -11.04 5.99
CA GLY A 366 22.25 -10.99 4.67
C GLY A 366 22.77 -9.90 3.75
N ALA A 367 23.32 -8.82 4.28
CA ALA A 367 23.88 -7.71 3.49
C ALA A 367 25.30 -8.01 2.98
N GLU A 368 25.96 -9.05 3.50
CA GLU A 368 27.42 -9.31 3.24
C GLU A 368 27.70 -9.43 1.74
N PRO A 369 26.83 -10.09 0.94
CA PRO A 369 27.01 -10.15 -0.51
C PRO A 369 27.21 -8.79 -1.20
N VAL A 370 26.60 -7.72 -0.67
CA VAL A 370 26.70 -6.36 -1.25
C VAL A 370 28.04 -5.76 -0.83
N TYR A 371 28.43 -5.92 0.41
CA TYR A 371 29.75 -5.43 0.94
C TYR A 371 30.89 -6.13 0.18
N ALA A 372 30.69 -7.40 -0.21
CA ALA A 372 31.66 -8.21 -0.97
C ALA A 372 31.93 -7.56 -2.34
N LEU A 373 30.89 -7.08 -3.05
CA LEU A 373 31.04 -6.34 -4.33
C LEU A 373 32.09 -5.24 -4.15
N TYR A 374 32.35 -4.78 -2.93
CA TYR A 374 33.32 -3.67 -2.64
C TYR A 374 34.63 -4.26 -2.13
N GLY A 375 34.79 -5.57 -2.22
CA GLY A 375 35.94 -6.29 -1.64
C GLY A 375 36.05 -6.10 -0.14
N LEU A 376 34.93 -5.98 0.57
CA LEU A 376 34.97 -5.83 2.05
C LEU A 376 34.58 -7.16 2.71
N GLY A 377 35.10 -7.42 3.89
CA GLY A 377 34.76 -8.63 4.69
C GLY A 377 33.29 -8.65 5.07
N GLY A 378 32.91 -9.64 5.87
CA GLY A 378 31.59 -9.71 6.54
C GLY A 378 31.71 -9.35 8.00
N ILE A 379 30.81 -9.88 8.84
CA ILE A 379 30.87 -9.69 10.31
C ILE A 379 32.10 -10.41 10.87
N GLY A 380 32.45 -11.58 10.32
CA GLY A 380 33.62 -12.36 10.77
C GLY A 380 33.26 -13.62 11.54
N CYS A 381 31.98 -13.92 11.72
CA CYS A 381 31.51 -15.22 12.25
C CYS A 381 30.26 -15.62 11.47
N GLU A 382 29.96 -16.92 11.41
CA GLU A 382 28.87 -17.50 10.59
C GLU A 382 27.60 -17.56 11.44
N GLU A 383 27.72 -18.01 12.69
CA GLU A 383 26.52 -18.10 13.58
C GLU A 383 26.63 -17.01 14.65
N MET A 384 25.47 -16.63 15.16
CA MET A 384 25.32 -15.55 16.16
C MET A 384 26.29 -15.82 17.31
N PRO A 385 27.14 -14.84 17.68
CA PRO A 385 28.11 -15.05 18.74
C PRO A 385 27.45 -15.11 20.12
N PRO A 386 28.14 -15.64 21.17
CA PRO A 386 27.59 -15.62 22.52
C PRO A 386 27.55 -14.18 23.05
N VAL A 387 26.96 -13.97 24.23
CA VAL A 387 26.82 -12.62 24.84
C VAL A 387 28.21 -12.03 25.08
N ASP A 388 28.28 -10.70 25.13
CA ASP A 388 29.50 -9.92 25.49
C ASP A 388 30.68 -10.35 24.60
N THR A 389 30.42 -10.62 23.32
CA THR A 389 31.42 -11.08 22.30
C THR A 389 31.27 -10.22 21.06
N PRO A 390 31.93 -9.05 21.00
CA PRO A 390 31.83 -8.18 19.85
C PRO A 390 32.68 -8.69 18.69
N TYR A 391 32.16 -8.50 17.49
CA TYR A 391 32.88 -8.62 16.21
C TYR A 391 32.78 -7.29 15.51
N MET A 392 33.91 -6.62 15.32
CA MET A 392 33.94 -5.28 14.67
C MET A 392 35.17 -5.12 13.75
N ASN A 393 35.71 -6.20 13.19
CA ASN A 393 36.84 -6.13 12.23
C ASN A 393 36.35 -6.00 10.78
N GLY A 394 35.03 -6.16 10.53
CA GLY A 394 34.44 -5.94 9.20
C GLY A 394 33.71 -4.60 9.11
N PRO A 395 33.12 -4.29 7.94
CA PRO A 395 32.29 -3.09 7.77
C PRO A 395 30.93 -3.21 8.48
N ILE A 396 30.49 -4.42 8.79
CA ILE A 396 29.32 -4.69 9.67
C ILE A 396 29.84 -5.22 11.02
N ALA A 397 29.56 -4.51 12.09
CA ALA A 397 29.91 -4.96 13.46
C ALA A 397 28.65 -5.45 14.17
N TYR A 398 28.87 -6.34 15.13
CA TYR A 398 27.76 -6.93 15.92
C TYR A 398 28.27 -7.28 17.31
N HIS A 399 27.46 -6.93 18.30
CA HIS A 399 27.50 -7.58 19.63
C HIS A 399 26.09 -7.79 20.13
N ASN A 400 25.95 -8.79 20.99
CA ASN A 400 24.75 -9.05 21.82
C ASN A 400 25.21 -8.99 23.29
N ARG A 401 25.00 -7.87 23.97
CA ARG A 401 25.53 -7.68 25.35
C ARG A 401 24.51 -8.17 26.36
N LYS A 402 25.03 -8.65 27.49
CA LYS A 402 24.29 -8.90 28.75
C LYS A 402 23.42 -7.70 29.11
N GLY A 403 22.29 -7.95 29.74
CA GLY A 403 21.48 -6.91 30.39
C GLY A 403 20.26 -6.50 29.56
N PRO A 404 19.63 -5.37 29.93
CA PRO A 404 18.32 -5.00 29.44
C PRO A 404 18.34 -4.18 28.14
N HIS A 405 17.21 -4.16 27.45
CA HIS A 405 16.92 -3.23 26.33
C HIS A 405 17.36 -1.83 26.73
N ALA A 406 18.46 -1.33 26.16
CA ALA A 406 19.04 0.00 26.50
C ALA A 406 20.26 0.29 25.61
N VAL A 407 20.80 1.48 25.78
CA VAL A 407 22.19 1.85 25.38
C VAL A 407 22.95 2.08 26.69
N LEU A 408 23.98 1.28 26.93
CA LEU A 408 24.81 1.36 28.15
C LEU A 408 26.24 1.74 27.79
N PRO A 409 27.06 2.10 28.79
CA PRO A 409 28.47 2.42 28.58
C PRO A 409 29.23 1.35 27.77
N TYR A 410 28.92 0.07 28.01
CA TYR A 410 29.47 -1.08 27.25
C TYR A 410 29.28 -0.85 25.74
N ASP A 411 28.07 -0.50 25.33
CA ASP A 411 27.75 -0.32 23.89
C ASP A 411 28.64 0.79 23.31
N TRP A 412 28.65 1.97 23.95
CA TRP A 412 29.45 3.16 23.56
C TRP A 412 30.94 2.80 23.47
N GLU A 413 31.43 2.01 24.42
CA GLU A 413 32.83 1.52 24.40
C GLU A 413 33.07 0.80 23.06
N GLN A 414 32.12 -0.04 22.63
CA GLN A 414 32.31 -0.81 21.37
C GLN A 414 32.17 0.17 20.20
N PHE A 415 31.18 1.05 20.23
CA PHE A 415 30.84 1.99 19.12
C PHE A 415 32.04 2.90 18.84
N LEU A 416 32.71 3.37 19.88
CA LEU A 416 33.85 4.32 19.72
C LEU A 416 35.09 3.59 19.19
N ARG A 417 35.31 2.35 19.59
CA ARG A 417 36.41 1.48 19.08
C ARG A 417 36.23 1.22 17.58
N PHE A 418 35.00 0.96 17.16
CA PHE A 418 34.62 0.83 15.73
C PHE A 418 34.81 2.17 15.00
N ALA A 419 34.31 3.27 15.57
CA ALA A 419 34.40 4.60 14.94
C ALA A 419 35.89 4.94 14.71
N ASP A 420 36.76 4.62 15.67
CA ASP A 420 38.23 4.90 15.59
C ASP A 420 38.83 4.29 14.33
N LYS A 421 38.38 3.10 13.93
CA LYS A 421 38.92 2.39 12.75
C LYS A 421 38.72 3.22 11.49
N TYR A 422 37.65 4.02 11.41
CA TYR A 422 37.24 4.79 10.20
C TYR A 422 37.62 6.27 10.33
N PHE A 423 37.47 6.84 11.52
CA PHE A 423 37.59 8.31 11.73
C PHE A 423 39.03 8.66 12.15
N LYS A 424 39.90 7.68 12.44
CA LYS A 424 41.34 7.89 12.74
C LYS A 424 42.18 6.86 11.97
N ASN A 425 43.49 6.83 12.20
CA ASN A 425 44.43 5.82 11.61
C ASN A 425 45.24 5.17 12.75
N LYS B 26 -10.32 -16.59 12.41
CA LYS B 26 -11.15 -15.47 12.95
C LYS B 26 -12.51 -15.41 12.22
N ASP B 27 -13.62 -15.34 12.97
CA ASP B 27 -14.99 -15.34 12.38
C ASP B 27 -15.40 -13.88 12.22
N TYR B 28 -15.72 -13.48 11.00
CA TYR B 28 -16.10 -12.08 10.70
C TYR B 28 -17.61 -11.94 10.80
N ALA B 29 -18.38 -13.03 10.75
CA ALA B 29 -19.86 -12.99 10.87
C ALA B 29 -20.26 -12.47 12.26
N LYS B 30 -19.59 -12.90 13.34
CA LYS B 30 -19.87 -12.42 14.72
C LYS B 30 -19.42 -10.95 14.88
N LEU B 31 -18.59 -10.40 13.99
CA LEU B 31 -18.07 -9.01 14.18
C LEU B 31 -18.93 -8.01 13.41
N ALA B 32 -19.87 -8.48 12.58
CA ALA B 32 -20.71 -7.64 11.70
C ALA B 32 -21.70 -6.82 12.54
N ASN B 33 -21.75 -5.53 12.25
CA ASN B 33 -22.79 -4.63 12.76
C ASN B 33 -23.91 -4.63 11.73
N TYR B 34 -25.12 -4.93 12.17
CA TYR B 34 -26.36 -4.80 11.35
C TYR B 34 -27.28 -3.74 11.92
N ASP B 35 -26.78 -2.85 12.78
CA ASP B 35 -27.63 -1.88 13.53
C ASP B 35 -27.33 -0.49 12.99
N GLU B 36 -28.28 0.07 12.24
CA GLU B 36 -28.10 1.35 11.52
C GLU B 36 -27.77 2.47 12.52
N SER B 37 -28.32 2.41 13.73
CA SER B 37 -28.04 3.41 14.80
C SER B 37 -26.58 3.34 15.24
N LYS B 38 -25.85 2.24 14.96
CA LYS B 38 -24.46 2.02 15.48
C LYS B 38 -23.41 2.30 14.39
N VAL B 39 -23.86 2.65 13.19
CA VAL B 39 -22.97 3.06 12.07
C VAL B 39 -22.13 4.24 12.54
N PRO B 40 -20.79 4.21 12.37
CA PRO B 40 -19.95 5.28 12.88
C PRO B 40 -20.10 6.59 12.09
N GLN B 41 -19.66 7.69 12.69
CA GLN B 41 -19.45 8.95 11.97
C GLN B 41 -18.41 8.69 10.89
N TYR B 42 -18.62 9.28 9.71
CA TYR B 42 -17.60 9.32 8.65
C TYR B 42 -17.89 10.54 7.77
N THR B 43 -16.83 10.98 7.10
CA THR B 43 -16.87 11.97 5.99
C THR B 43 -16.40 11.26 4.74
N LEU B 44 -17.23 11.24 3.70
CA LEU B 44 -16.82 10.83 2.34
C LEU B 44 -15.69 11.75 1.86
N PRO B 45 -14.60 11.20 1.28
CA PRO B 45 -13.68 12.02 0.52
C PRO B 45 -14.44 12.76 -0.59
N SER B 46 -14.13 14.04 -0.77
CA SER B 46 -14.77 14.94 -1.76
C SER B 46 -14.44 14.44 -3.16
N VAL B 47 -15.46 14.02 -3.91
CA VAL B 47 -15.29 13.53 -5.31
C VAL B 47 -14.84 14.70 -6.21
N LEU B 48 -15.26 15.94 -5.90
CA LEU B 48 -15.00 17.14 -6.76
C LEU B 48 -13.75 17.92 -6.34
N MET B 49 -13.01 17.54 -5.31
CA MET B 49 -11.77 18.28 -4.95
C MET B 49 -10.54 17.49 -5.39
N CYS B 50 -9.70 18.10 -6.22
CA CYS B 50 -8.44 17.50 -6.70
C CYS B 50 -7.48 17.43 -5.52
N HIS B 51 -6.48 16.56 -5.64
CA HIS B 51 -5.41 16.40 -4.62
C HIS B 51 -4.78 17.77 -4.32
N ASP B 52 -4.69 18.65 -5.32
CA ASP B 52 -3.99 19.96 -5.21
C ASP B 52 -4.96 21.04 -4.74
N GLY B 53 -6.24 20.71 -4.57
CA GLY B 53 -7.23 21.57 -3.89
C GLY B 53 -8.21 22.21 -4.86
N GLU B 54 -7.92 22.22 -6.17
CA GLU B 54 -8.79 22.82 -7.22
C GLU B 54 -10.17 22.15 -7.19
N MET B 55 -11.23 22.92 -7.10
CA MET B 55 -12.62 22.37 -7.09
C MET B 55 -13.09 22.20 -8.53
N VAL B 56 -13.48 20.97 -8.88
CA VAL B 56 -14.11 20.64 -10.18
C VAL B 56 -15.47 21.33 -10.22
N GLN B 57 -15.70 22.21 -11.19
CA GLN B 57 -17.03 22.86 -11.41
C GLN B 57 -17.52 22.61 -12.83
N THR B 58 -16.69 22.04 -13.72
CA THR B 58 -17.03 21.73 -15.13
C THR B 58 -16.69 20.27 -15.46
N LYS B 59 -17.35 19.70 -16.46
CA LYS B 59 -17.07 18.35 -16.99
C LYS B 59 -15.65 18.34 -17.57
N GLU B 60 -15.17 19.48 -18.07
CA GLU B 60 -13.82 19.61 -18.67
C GLU B 60 -12.78 19.34 -17.58
N GLN B 61 -12.96 19.97 -16.42
N GLN B 61 -12.95 19.99 -16.42
CA GLN B 61 -12.08 19.80 -15.23
CA GLN B 61 -12.09 19.81 -15.22
C GLN B 61 -12.17 18.36 -14.71
C GLN B 61 -12.17 18.35 -14.75
N TRP B 62 -13.37 17.78 -14.69
CA TRP B 62 -13.59 16.35 -14.34
C TRP B 62 -12.80 15.45 -15.28
N GLU B 63 -13.02 15.58 -16.59
CA GLU B 63 -12.47 14.68 -17.64
C GLU B 63 -10.95 14.84 -17.72
N GLN B 64 -10.44 16.06 -17.61
CA GLN B 64 -9.01 16.30 -17.90
C GLN B 64 -8.16 16.19 -16.63
N LYS B 65 -8.71 16.37 -15.43
CA LYS B 65 -7.86 16.39 -14.20
C LYS B 65 -8.30 15.37 -13.12
N ARG B 66 -9.56 15.43 -12.67
CA ARG B 66 -10.02 14.74 -11.44
C ARG B 66 -10.22 13.25 -11.72
N ARG B 67 -10.98 12.92 -12.76
CA ARG B 67 -11.27 11.51 -13.11
C ARG B 67 -9.96 10.74 -13.27
N PRO B 68 -8.95 11.22 -14.04
CA PRO B 68 -7.63 10.57 -14.04
C PRO B 68 -7.02 10.28 -12.66
N GLU B 69 -7.11 11.22 -11.71
CA GLU B 69 -6.58 11.04 -10.32
C GLU B 69 -7.34 9.90 -9.64
N ILE B 70 -8.67 9.91 -9.72
CA ILE B 70 -9.53 8.89 -9.05
C ILE B 70 -9.32 7.52 -9.71
N LEU B 71 -9.24 7.43 -11.04
CA LEU B 71 -8.95 6.13 -11.71
C LEU B 71 -7.60 5.60 -11.21
N ASN B 72 -6.60 6.47 -11.10
CA ASN B 72 -5.25 6.05 -10.67
C ASN B 72 -5.28 5.50 -9.24
N LEU B 73 -6.01 6.14 -8.33
CA LEU B 73 -6.14 5.69 -6.93
C LEU B 73 -6.73 4.28 -6.92
N PHE B 74 -7.86 4.06 -7.61
CA PHE B 74 -8.54 2.74 -7.62
C PHE B 74 -7.61 1.68 -8.24
N THR B 75 -6.91 2.03 -9.30
CA THR B 75 -6.05 1.08 -10.06
C THR B 75 -4.88 0.70 -9.15
N THR B 76 -4.26 1.68 -8.49
CA THR B 76 -3.04 1.47 -7.69
C THR B 76 -3.38 0.78 -6.36
N TYR B 77 -4.44 1.22 -5.68
CA TYR B 77 -4.63 0.92 -4.24
C TYR B 77 -5.75 -0.09 -3.99
N MET B 78 -6.63 -0.39 -4.95
CA MET B 78 -7.76 -1.34 -4.72
C MET B 78 -7.69 -2.53 -5.69
N PHE B 79 -7.87 -2.32 -7.00
CA PHE B 79 -8.05 -3.42 -7.98
C PHE B 79 -6.68 -3.94 -8.44
N GLY B 80 -5.72 -3.05 -8.68
CA GLY B 80 -4.41 -3.39 -9.23
C GLY B 80 -4.37 -3.16 -10.73
N LYS B 81 -3.19 -2.77 -11.24
CA LYS B 81 -2.93 -2.55 -12.68
C LYS B 81 -3.04 -3.87 -13.43
N ALA B 82 -3.68 -3.84 -14.59
CA ALA B 82 -3.79 -4.99 -15.52
C ALA B 82 -2.85 -4.75 -16.70
N PRO B 83 -2.41 -5.79 -17.42
CA PRO B 83 -1.57 -5.58 -18.61
C PRO B 83 -2.29 -4.66 -19.62
N VAL B 84 -1.57 -3.68 -20.16
N VAL B 84 -1.56 -3.68 -20.15
CA VAL B 84 -2.06 -2.79 -21.26
CA VAL B 84 -2.03 -2.79 -21.25
C VAL B 84 -1.54 -3.35 -22.58
C VAL B 84 -1.52 -3.39 -22.56
N LEU B 85 -2.43 -3.92 -23.39
CA LEU B 85 -2.10 -4.55 -24.68
C LEU B 85 -2.02 -3.45 -25.76
N LYS B 86 -1.00 -3.55 -26.63
CA LYS B 86 -0.80 -2.67 -27.80
C LYS B 86 -1.71 -3.14 -28.95
N HIS B 87 -1.92 -4.46 -29.09
CA HIS B 87 -2.80 -5.04 -30.13
C HIS B 87 -3.74 -6.07 -29.49
N LYS B 88 -4.90 -6.28 -30.09
CA LYS B 88 -5.90 -7.30 -29.67
C LYS B 88 -5.27 -8.70 -29.67
N LEU B 89 -5.74 -9.57 -28.79
CA LEU B 89 -5.33 -10.99 -28.73
C LEU B 89 -6.24 -11.79 -29.67
N PRO B 90 -5.71 -12.91 -30.21
CA PRO B 90 -6.47 -13.71 -31.17
C PRO B 90 -7.81 -14.20 -30.62
N CYS B 91 -8.85 -14.09 -31.45
CA CYS B 91 -10.21 -14.66 -31.23
CA CYS B 91 -10.16 -14.75 -31.20
C CYS B 91 -10.58 -15.48 -32.47
N THR B 92 -11.22 -16.63 -32.28
CA THR B 92 -11.79 -17.49 -33.36
C THR B 92 -13.22 -17.89 -32.97
N VAL B 93 -14.16 -17.70 -33.89
CA VAL B 93 -15.54 -18.24 -33.77
C VAL B 93 -15.48 -19.76 -33.99
N SER B 94 -15.75 -20.55 -32.96
CA SER B 94 -15.51 -22.02 -32.93
C SER B 94 -16.80 -22.80 -33.24
N ARG B 95 -17.92 -22.10 -33.43
CA ARG B 95 -19.23 -22.73 -33.75
C ARG B 95 -20.32 -21.65 -33.79
N ILE B 96 -21.10 -21.64 -34.86
CA ILE B 96 -22.32 -20.79 -34.99
C ILE B 96 -23.49 -21.71 -35.26
N ASN B 97 -24.64 -21.40 -34.67
CA ASN B 97 -25.96 -21.97 -35.01
C ASN B 97 -26.92 -20.80 -35.17
N GLU B 98 -27.22 -20.42 -36.41
CA GLU B 98 -28.14 -19.30 -36.75
C GLU B 98 -29.59 -19.66 -36.40
N LYS B 99 -29.87 -20.93 -36.05
CA LYS B 99 -31.24 -21.47 -35.82
C LYS B 99 -31.39 -21.99 -34.39
N ALA B 100 -30.49 -21.62 -33.48
CA ALA B 100 -30.54 -21.97 -32.03
C ALA B 100 -31.90 -21.60 -31.43
N LEU B 101 -32.24 -22.27 -30.32
CA LEU B 101 -33.50 -22.10 -29.52
C LEU B 101 -34.74 -22.19 -30.42
N ASN B 102 -34.72 -23.07 -31.43
CA ASN B 102 -35.86 -23.33 -32.35
C ASN B 102 -36.04 -22.12 -33.29
N GLY B 103 -34.93 -21.55 -33.75
CA GLY B 103 -34.89 -20.47 -34.76
C GLY B 103 -34.96 -19.06 -34.16
N ARG B 104 -35.32 -18.92 -32.88
CA ARG B 104 -35.54 -17.62 -32.18
C ARG B 104 -34.22 -16.82 -32.07
N ALA B 105 -33.07 -17.50 -32.06
CA ALA B 105 -31.77 -16.89 -31.72
C ALA B 105 -30.64 -17.45 -32.60
N THR B 106 -29.56 -16.69 -32.71
CA THR B 106 -28.25 -17.16 -33.21
C THR B 106 -27.34 -17.36 -32.00
N ARG B 107 -26.70 -18.53 -31.89
CA ARG B 107 -25.69 -18.81 -30.83
C ARG B 107 -24.32 -18.92 -31.47
N LYS B 108 -23.35 -18.12 -31.02
CA LYS B 108 -21.92 -18.25 -31.43
C LYS B 108 -21.09 -18.63 -30.21
N GLU B 109 -20.12 -19.52 -30.40
CA GLU B 109 -19.06 -19.83 -29.39
C GLU B 109 -17.77 -19.18 -29.91
N ILE B 110 -17.16 -18.33 -29.09
CA ILE B 110 -15.92 -17.59 -29.45
C ILE B 110 -14.85 -17.96 -28.43
N THR B 111 -13.70 -18.40 -28.92
CA THR B 111 -12.50 -18.65 -28.10
C THR B 111 -11.67 -17.38 -28.15
N ILE B 112 -11.30 -16.86 -26.98
CA ILE B 112 -10.58 -15.57 -26.84
C ILE B 112 -9.27 -15.86 -26.08
N GLN B 113 -8.15 -15.87 -26.80
CA GLN B 113 -6.82 -16.03 -26.16
C GLN B 113 -6.66 -14.87 -25.18
N LEU B 114 -5.98 -15.12 -24.07
CA LEU B 114 -5.71 -14.13 -22.99
C LEU B 114 -4.21 -13.90 -22.93
N THR B 115 -3.44 -14.67 -23.69
CA THR B 115 -1.97 -14.53 -23.82
C THR B 115 -1.62 -14.67 -25.30
N ASP B 116 -0.36 -14.44 -25.65
CA ASP B 116 0.17 -14.62 -27.04
C ASP B 116 0.72 -16.06 -27.17
N ASP B 117 0.25 -16.99 -26.31
CA ASP B 117 0.48 -18.46 -26.43
C ASP B 117 -0.86 -19.12 -26.75
N PRO B 118 -1.02 -19.89 -27.85
CA PRO B 118 -2.33 -20.45 -28.22
C PRO B 118 -2.74 -21.66 -27.37
N GLN B 119 -1.83 -22.17 -26.53
CA GLN B 119 -2.08 -23.28 -25.56
C GLN B 119 -2.24 -22.74 -24.13
N GLY B 120 -2.10 -21.41 -23.92
CA GLY B 120 -2.35 -20.75 -22.63
C GLY B 120 -3.85 -20.57 -22.39
N PRO B 121 -4.26 -19.94 -21.25
CA PRO B 121 -5.67 -19.79 -20.91
C PRO B 121 -6.45 -19.00 -21.97
N HIS B 122 -7.72 -19.37 -22.18
CA HIS B 122 -8.67 -18.69 -23.07
C HIS B 122 -10.02 -18.55 -22.36
N ILE B 123 -10.81 -17.60 -22.83
CA ILE B 123 -12.26 -17.44 -22.51
C ILE B 123 -13.05 -18.23 -23.56
N ASP B 124 -13.99 -19.04 -23.11
CA ASP B 124 -15.06 -19.62 -23.97
C ASP B 124 -16.25 -18.66 -23.82
N LEU B 125 -16.40 -17.73 -24.76
CA LEU B 125 -17.51 -16.75 -24.82
C LEU B 125 -18.70 -17.38 -25.56
N GLN B 126 -19.87 -17.35 -24.94
CA GLN B 126 -21.16 -17.79 -25.53
C GLN B 126 -22.02 -16.55 -25.76
N LEU B 127 -22.43 -16.30 -27.01
CA LEU B 127 -23.23 -15.12 -27.40
C LEU B 127 -24.56 -15.60 -28.01
N TYR B 128 -25.69 -15.14 -27.46
CA TYR B 128 -27.05 -15.30 -28.04
C TYR B 128 -27.52 -13.95 -28.57
N LEU B 129 -27.84 -13.90 -29.86
CA LEU B 129 -28.46 -12.73 -30.55
C LEU B 129 -29.86 -13.11 -30.98
N PRO B 130 -30.87 -12.22 -30.80
CA PRO B 130 -32.22 -12.50 -31.27
C PRO B 130 -32.21 -12.48 -32.81
N ASN B 131 -32.94 -13.42 -33.44
CA ASN B 131 -33.14 -13.50 -34.91
C ASN B 131 -34.28 -12.54 -35.27
N HIS B 132 -34.20 -11.92 -36.46
CA HIS B 132 -35.27 -11.09 -37.09
C HIS B 132 -35.60 -9.84 -36.25
N VAL B 133 -34.59 -9.10 -35.79
CA VAL B 133 -34.76 -7.70 -35.32
C VAL B 133 -34.00 -6.79 -36.28
N SER B 134 -34.47 -5.57 -36.50
CA SER B 134 -33.78 -4.58 -37.36
C SER B 134 -32.71 -3.86 -36.55
N GLY B 135 -31.57 -3.61 -37.19
CA GLY B 135 -30.48 -2.78 -36.64
C GLY B 135 -29.54 -3.65 -35.85
N LYS B 136 -28.37 -3.11 -35.53
CA LYS B 136 -27.34 -3.78 -34.69
C LYS B 136 -27.93 -4.04 -33.29
N ILE B 137 -27.54 -5.14 -32.67
CA ILE B 137 -28.14 -5.72 -31.43
C ILE B 137 -27.40 -5.19 -30.21
N PRO B 138 -28.05 -4.48 -29.27
CA PRO B 138 -27.47 -4.20 -27.95
C PRO B 138 -27.26 -5.51 -27.18
N VAL B 139 -26.12 -5.67 -26.50
CA VAL B 139 -25.76 -6.96 -25.85
C VAL B 139 -25.47 -6.71 -24.37
N PHE B 140 -25.95 -7.58 -23.48
CA PHE B 140 -25.51 -7.65 -22.07
C PHE B 140 -24.34 -8.61 -21.98
N LEU B 141 -23.17 -8.09 -21.66
CA LEU B 141 -21.97 -8.91 -21.34
C LEU B 141 -22.00 -9.25 -19.84
N GLY B 142 -22.48 -10.44 -19.52
CA GLY B 142 -22.47 -11.01 -18.17
C GLY B 142 -21.19 -11.75 -17.95
N ILE B 143 -20.70 -11.80 -16.72
CA ILE B 143 -19.67 -12.78 -16.31
C ILE B 143 -20.34 -13.71 -15.31
N SER B 144 -20.16 -15.02 -15.46
CA SER B 144 -20.95 -16.07 -14.74
C SER B 144 -20.06 -16.87 -13.79
N PHE B 145 -20.67 -17.38 -12.73
CA PHE B 145 -20.04 -18.27 -11.71
C PHE B 145 -19.81 -19.66 -12.28
N MET B 146 -20.63 -20.02 -13.26
CA MET B 146 -20.80 -21.41 -13.77
C MET B 146 -20.52 -21.46 -15.26
N PRO B 147 -20.30 -22.67 -15.82
CA PRO B 147 -20.12 -22.84 -17.27
C PRO B 147 -21.35 -22.38 -18.08
N ASN B 148 -21.09 -22.07 -19.35
CA ASN B 148 -22.02 -21.45 -20.32
C ASN B 148 -23.26 -22.32 -20.48
N TYR B 149 -23.14 -23.65 -20.40
CA TYR B 149 -24.30 -24.58 -20.51
C TYR B 149 -25.31 -24.34 -19.37
N THR B 150 -24.98 -23.58 -18.32
CA THR B 150 -25.89 -23.34 -17.17
C THR B 150 -26.84 -22.18 -17.51
N ILE B 151 -26.51 -21.39 -18.52
CA ILE B 151 -27.21 -20.11 -18.85
C ILE B 151 -28.63 -20.40 -19.34
N TYR B 152 -28.82 -21.53 -20.03
CA TYR B 152 -30.12 -21.89 -20.66
C TYR B 152 -30.15 -23.37 -20.99
N ASP B 153 -31.34 -23.99 -20.93
CA ASP B 153 -31.57 -25.36 -21.44
C ASP B 153 -31.63 -25.25 -22.96
N ASP B 154 -30.46 -25.14 -23.58
CA ASP B 154 -30.24 -25.08 -25.04
C ASP B 154 -29.80 -26.48 -25.48
N PRO B 155 -30.67 -27.23 -26.19
CA PRO B 155 -30.44 -28.66 -26.42
C PRO B 155 -29.18 -28.98 -27.26
N ASP B 156 -28.53 -27.96 -27.84
CA ASP B 156 -27.31 -28.14 -28.67
C ASP B 156 -26.07 -28.18 -27.76
N LEU B 157 -26.26 -28.16 -26.43
CA LEU B 157 -25.17 -28.22 -25.42
C LEU B 157 -25.38 -29.43 -24.53
N SER B 158 -24.30 -29.99 -23.97
CA SER B 158 -24.34 -31.08 -22.96
C SER B 158 -23.35 -30.77 -21.84
N VAL B 159 -23.59 -31.36 -20.67
CA VAL B 159 -22.85 -31.11 -19.41
C VAL B 159 -22.02 -32.35 -19.10
N PRO B 160 -20.67 -32.29 -19.15
CA PRO B 160 -19.84 -33.41 -18.69
C PRO B 160 -20.02 -33.70 -17.19
N SER B 171 -25.33 -27.17 -11.31
CA SER B 171 -24.17 -27.77 -12.01
C SER B 171 -24.63 -28.71 -13.14
N PHE B 172 -25.75 -28.37 -13.79
CA PHE B 172 -26.34 -29.08 -14.96
C PHE B 172 -26.80 -28.04 -15.99
N ARG B 173 -27.27 -28.49 -17.16
CA ARG B 173 -27.69 -27.58 -18.27
C ARG B 173 -28.95 -26.79 -17.86
N GLY B 174 -28.90 -25.46 -18.00
CA GLY B 174 -30.04 -24.54 -17.73
C GLY B 174 -30.17 -24.18 -16.26
N SER B 175 -29.24 -24.65 -15.42
CA SER B 175 -29.34 -24.57 -13.93
C SER B 175 -29.44 -23.11 -13.47
N MET B 176 -28.83 -22.16 -14.20
CA MET B 176 -28.76 -20.72 -13.82
C MET B 176 -29.69 -19.85 -14.69
N ASP B 177 -30.55 -20.49 -15.51
CA ASP B 177 -31.60 -19.80 -16.31
C ASP B 177 -32.22 -18.63 -15.52
N LYS B 178 -32.54 -18.87 -14.25
CA LYS B 178 -33.34 -17.94 -13.41
C LYS B 178 -32.60 -16.60 -13.24
N SER B 179 -31.26 -16.62 -13.19
CA SER B 179 -30.42 -15.43 -12.91
C SER B 179 -29.95 -14.77 -14.22
N TRP B 180 -30.38 -15.29 -15.37
CA TRP B 180 -30.00 -14.76 -16.72
C TRP B 180 -31.23 -14.38 -17.55
N GLN B 181 -32.33 -15.12 -17.46
CA GLN B 181 -33.60 -14.71 -18.10
C GLN B 181 -33.37 -14.44 -19.59
N LEU B 182 -32.72 -15.38 -20.30
CA LEU B 182 -32.40 -15.23 -21.73
C LEU B 182 -33.66 -14.84 -22.51
N ASP B 183 -34.80 -15.49 -22.22
CA ASP B 183 -36.07 -15.28 -22.95
C ASP B 183 -36.50 -13.82 -22.82
N LYS B 184 -36.39 -13.21 -21.64
CA LYS B 184 -36.75 -11.79 -21.45
C LYS B 184 -35.81 -10.91 -22.30
N ILE B 185 -34.51 -11.22 -22.29
CA ILE B 185 -33.49 -10.41 -23.03
C ILE B 185 -33.80 -10.46 -24.53
N LEU B 186 -34.09 -11.65 -25.06
CA LEU B 186 -34.40 -11.84 -26.51
C LEU B 186 -35.68 -11.07 -26.86
N GLU B 187 -36.72 -11.17 -26.03
CA GLU B 187 -38.02 -10.48 -26.23
C GLU B 187 -37.85 -8.96 -26.27
N HIS B 188 -36.79 -8.42 -25.66
CA HIS B 188 -36.47 -6.97 -25.66
C HIS B 188 -35.69 -6.57 -26.93
N GLY B 189 -35.24 -7.53 -27.72
CA GLY B 189 -34.44 -7.27 -28.93
C GLY B 189 -32.97 -7.16 -28.61
N TYR B 190 -32.57 -7.70 -27.45
CA TYR B 190 -31.18 -7.61 -26.90
C TYR B 190 -30.54 -8.99 -26.95
N GLY B 191 -29.22 -9.01 -27.04
CA GLY B 191 -28.41 -10.23 -26.93
C GLY B 191 -27.82 -10.38 -25.52
N LEU B 192 -27.14 -11.51 -25.30
CA LEU B 192 -26.49 -11.85 -24.02
C LEU B 192 -25.23 -12.61 -24.35
N ALA B 193 -24.07 -12.07 -23.99
CA ALA B 193 -22.76 -12.75 -24.08
C ALA B 193 -22.29 -13.04 -22.65
N THR B 194 -21.96 -14.30 -22.34
CA THR B 194 -21.45 -14.73 -21.01
C THR B 194 -20.19 -15.56 -21.18
N PHE B 195 -19.34 -15.52 -20.16
CA PHE B 195 -18.27 -16.52 -19.93
C PHE B 195 -18.15 -16.77 -18.43
N CYS B 196 -17.55 -17.90 -18.10
CA CYS B 196 -17.27 -18.33 -16.70
C CYS B 196 -15.94 -17.73 -16.25
N TYR B 197 -15.96 -17.01 -15.13
CA TYR B 197 -14.79 -16.27 -14.59
C TYR B 197 -13.62 -17.22 -14.34
N ASN B 198 -13.89 -18.50 -14.11
CA ASN B 198 -12.83 -19.50 -13.85
C ASN B 198 -11.97 -19.68 -15.10
N ASP B 199 -12.44 -19.27 -16.29
CA ASP B 199 -11.60 -19.26 -17.53
C ASP B 199 -10.40 -18.33 -17.34
N VAL B 200 -10.55 -17.21 -16.63
CA VAL B 200 -9.52 -16.13 -16.56
C VAL B 200 -8.59 -16.36 -15.36
N ASP B 201 -9.15 -16.58 -14.18
CA ASP B 201 -8.36 -16.89 -12.97
C ASP B 201 -9.29 -17.70 -12.07
N PRO B 202 -8.93 -18.97 -11.75
CA PRO B 202 -9.65 -19.71 -10.71
C PRO B 202 -9.81 -18.89 -9.43
N ASP B 203 -11.04 -18.84 -8.95
CA ASP B 203 -11.45 -18.17 -7.70
C ASP B 203 -10.98 -19.01 -6.51
N PHE B 204 -9.68 -19.11 -6.27
CA PHE B 204 -9.13 -19.60 -4.99
C PHE B 204 -7.70 -19.08 -4.83
N ASP B 205 -7.29 -18.91 -3.58
CA ASP B 205 -6.01 -18.28 -3.21
C ASP B 205 -4.88 -19.29 -3.38
N ASP B 206 -4.19 -19.27 -4.53
CA ASP B 206 -3.14 -20.23 -4.93
C ASP B 206 -1.80 -19.50 -5.10
N ASP B 207 -1.69 -18.28 -4.58
CA ASP B 207 -0.55 -17.34 -4.83
C ASP B 207 -0.38 -17.10 -6.35
N PHE B 208 -1.48 -17.11 -7.10
CA PHE B 208 -1.58 -16.62 -8.49
C PHE B 208 -0.69 -17.43 -9.43
N GLN B 209 -0.55 -18.74 -9.19
CA GLN B 209 0.31 -19.64 -10.00
C GLN B 209 -0.54 -20.32 -11.08
N ASN B 210 -1.88 -20.26 -11.00
CA ASN B 210 -2.83 -20.70 -12.06
C ASN B 210 -3.18 -19.51 -12.96
N GLY B 211 -4.22 -19.67 -13.80
CA GLY B 211 -4.88 -18.59 -14.56
C GLY B 211 -3.93 -17.70 -15.34
N VAL B 212 -4.33 -16.46 -15.56
CA VAL B 212 -3.66 -15.51 -16.49
C VAL B 212 -2.39 -14.91 -15.85
N HIS B 213 -2.34 -14.75 -14.54
CA HIS B 213 -1.31 -13.94 -13.82
C HIS B 213 0.12 -14.34 -14.20
N PRO B 214 0.52 -15.63 -14.13
CA PRO B 214 1.92 -16.02 -14.32
C PRO B 214 2.46 -15.75 -15.73
N TYR B 215 1.58 -15.58 -16.70
CA TYR B 215 1.93 -15.31 -18.12
C TYR B 215 2.43 -13.88 -18.26
N TYR B 216 2.12 -12.98 -17.33
CA TYR B 216 2.54 -11.55 -17.42
C TYR B 216 3.57 -11.21 -16.35
N TYR B 217 4.23 -12.17 -15.71
CA TYR B 217 5.31 -11.87 -14.74
C TYR B 217 6.58 -11.48 -15.52
N GLU B 218 7.44 -10.66 -14.91
CA GLU B 218 8.84 -10.45 -15.38
C GLU B 218 9.66 -11.65 -14.93
N LYS B 219 10.83 -11.86 -15.53
CA LYS B 219 11.82 -12.83 -15.01
C LYS B 219 12.25 -12.32 -13.63
N GLY B 220 12.34 -13.20 -12.64
CA GLY B 220 12.59 -12.82 -11.25
C GLY B 220 11.34 -12.29 -10.55
N GLN B 221 10.14 -12.64 -11.06
CA GLN B 221 8.83 -12.30 -10.43
C GLN B 221 7.98 -13.58 -10.36
N ASN B 222 7.66 -14.03 -9.14
CA ASN B 222 6.79 -15.21 -8.88
C ASN B 222 5.40 -14.75 -8.44
N PHE B 223 5.18 -13.43 -8.35
CA PHE B 223 4.03 -12.83 -7.63
C PHE B 223 3.73 -11.42 -8.15
N PRO B 224 2.44 -11.01 -8.22
CA PRO B 224 2.12 -9.66 -8.64
C PRO B 224 2.76 -8.63 -7.70
N ASP B 225 3.17 -7.51 -8.23
CA ASP B 225 3.61 -6.36 -7.39
C ASP B 225 2.42 -5.91 -6.55
N PRO B 226 2.65 -5.21 -5.43
CA PRO B 226 1.54 -4.71 -4.63
C PRO B 226 0.51 -3.88 -5.40
N ASP B 227 0.90 -3.22 -6.50
CA ASP B 227 -0.01 -2.35 -7.29
C ASP B 227 -0.59 -3.10 -8.49
N GLN B 228 -0.39 -4.42 -8.61
CA GLN B 228 -0.79 -5.21 -9.81
C GLN B 228 -2.02 -6.06 -9.51
N TRP B 229 -2.75 -6.36 -10.58
CA TRP B 229 -4.09 -7.01 -10.54
C TRP B 229 -4.15 -8.19 -9.57
N GLY B 230 -5.22 -8.24 -8.77
CA GLY B 230 -5.71 -9.47 -8.15
C GLY B 230 -6.71 -10.14 -9.07
N SER B 231 -7.51 -11.03 -8.51
CA SER B 231 -8.52 -11.84 -9.25
C SER B 231 -9.58 -10.96 -9.89
N ILE B 232 -10.05 -9.90 -9.23
CA ILE B 232 -11.22 -9.11 -9.69
C ILE B 232 -10.79 -8.27 -10.91
N ALA B 233 -9.60 -7.69 -10.87
CA ALA B 233 -9.05 -6.91 -11.99
C ALA B 233 -8.82 -7.85 -13.18
N ALA B 234 -8.43 -9.11 -12.96
CA ALA B 234 -8.20 -10.10 -14.03
C ALA B 234 -9.55 -10.41 -14.69
N TRP B 235 -10.58 -10.73 -13.90
CA TRP B 235 -11.95 -11.01 -14.39
C TRP B 235 -12.47 -9.80 -15.20
N ALA B 236 -12.32 -8.58 -14.70
CA ALA B 236 -12.83 -7.37 -15.37
C ALA B 236 -12.04 -7.15 -16.68
N TRP B 237 -10.74 -7.40 -16.68
CA TRP B 237 -9.89 -7.41 -17.89
C TRP B 237 -10.39 -8.45 -18.91
N GLY B 238 -10.74 -9.64 -18.43
CA GLY B 238 -11.45 -10.69 -19.21
C GLY B 238 -12.63 -10.11 -19.97
N MET B 239 -13.45 -9.30 -19.31
CA MET B 239 -14.65 -8.68 -19.91
C MET B 239 -14.25 -7.70 -21.01
N SER B 240 -13.10 -7.00 -20.85
N SER B 240 -13.08 -7.04 -20.86
CA SER B 240 -12.52 -6.12 -21.90
CA SER B 240 -12.51 -6.13 -21.90
C SER B 240 -12.04 -6.96 -23.11
C SER B 240 -11.99 -6.93 -23.10
N ARG B 241 -11.44 -8.14 -22.87
CA ARG B 241 -11.05 -9.07 -23.98
C ARG B 241 -12.32 -9.56 -24.68
N ALA B 242 -13.42 -9.77 -23.94
CA ALA B 242 -14.73 -10.16 -24.52
C ALA B 242 -15.28 -9.03 -25.37
N MET B 243 -15.09 -7.78 -24.93
CA MET B 243 -15.54 -6.58 -25.66
C MET B 243 -14.70 -6.43 -26.95
N ASP B 244 -13.39 -6.68 -26.88
CA ASP B 244 -12.50 -6.67 -28.07
C ASP B 244 -13.16 -7.52 -29.17
N TYR B 245 -13.72 -8.68 -28.84
CA TYR B 245 -14.46 -9.51 -29.83
C TYR B 245 -15.73 -8.78 -30.28
N LEU B 246 -16.55 -8.34 -29.32
CA LEU B 246 -17.97 -7.93 -29.56
C LEU B 246 -18.03 -6.72 -30.49
N GLU B 247 -17.03 -5.85 -30.45
CA GLU B 247 -16.97 -4.63 -31.29
C GLU B 247 -16.65 -5.03 -32.74
N THR B 248 -15.97 -6.16 -32.95
CA THR B 248 -15.74 -6.76 -34.30
C THR B 248 -16.95 -7.61 -34.79
N ASP B 249 -18.10 -7.61 -34.10
CA ASP B 249 -19.26 -8.45 -34.52
C ASP B 249 -20.26 -7.61 -35.31
N LYS B 250 -20.52 -8.01 -36.56
CA LYS B 250 -21.36 -7.29 -37.54
C LYS B 250 -22.75 -7.00 -36.95
N LYS B 251 -23.34 -7.93 -36.22
CA LYS B 251 -24.75 -7.83 -35.78
C LYS B 251 -24.84 -7.13 -34.42
N VAL B 252 -23.70 -6.93 -33.76
CA VAL B 252 -23.66 -6.36 -32.38
C VAL B 252 -23.43 -4.86 -32.46
N ASP B 253 -24.27 -4.09 -31.75
CA ASP B 253 -24.09 -2.64 -31.55
C ASP B 253 -23.04 -2.42 -30.46
N ALA B 254 -21.78 -2.21 -30.85
CA ALA B 254 -20.63 -2.00 -29.94
C ALA B 254 -20.82 -0.74 -29.09
N LYS B 255 -21.75 0.15 -29.45
CA LYS B 255 -22.06 1.38 -28.68
C LYS B 255 -23.11 1.10 -27.62
N LYS B 256 -23.64 -0.12 -27.55
CA LYS B 256 -24.71 -0.47 -26.58
C LYS B 256 -24.42 -1.84 -25.95
N VAL B 257 -23.20 -1.99 -25.40
CA VAL B 257 -22.83 -3.19 -24.61
C VAL B 257 -22.86 -2.80 -23.13
N ALA B 258 -23.79 -3.40 -22.40
CA ALA B 258 -23.92 -3.30 -20.93
C ALA B 258 -23.05 -4.37 -20.29
N VAL B 259 -22.51 -4.07 -19.12
CA VAL B 259 -21.79 -5.09 -18.29
C VAL B 259 -22.64 -5.37 -17.05
N ILE B 260 -22.72 -6.65 -16.70
CA ILE B 260 -23.54 -7.12 -15.56
C ILE B 260 -22.81 -8.28 -14.89
N GLY B 261 -22.93 -8.33 -13.56
CA GLY B 261 -22.49 -9.45 -12.71
C GLY B 261 -23.15 -9.38 -11.36
N HIS B 262 -23.17 -10.50 -10.66
CA HIS B 262 -23.79 -10.62 -9.32
C HIS B 262 -22.69 -10.80 -8.26
N SER B 263 -22.86 -10.14 -7.12
N SER B 263 -22.84 -10.09 -7.14
CA SER B 263 -21.99 -10.30 -5.92
CA SER B 263 -21.98 -10.24 -5.94
C SER B 263 -20.53 -9.97 -6.30
C SER B 263 -20.52 -9.95 -6.32
N ARG B 264 -19.59 -10.91 -6.17
CA ARG B 264 -18.15 -10.67 -6.50
C ARG B 264 -18.00 -10.31 -7.99
N LEU B 265 -18.92 -10.80 -8.82
CA LEU B 265 -18.92 -10.54 -10.29
C LEU B 265 -19.66 -9.23 -10.55
N GLY B 266 -20.48 -8.76 -9.61
CA GLY B 266 -20.96 -7.37 -9.50
C GLY B 266 -19.82 -6.39 -9.22
N LYS B 267 -18.94 -6.67 -8.27
CA LYS B 267 -17.74 -5.82 -8.02
C LYS B 267 -16.94 -5.73 -9.33
N THR B 268 -16.73 -6.87 -10.00
CA THR B 268 -16.00 -6.99 -11.28
C THR B 268 -16.65 -6.11 -12.37
N ALA B 269 -17.96 -6.22 -12.56
CA ALA B 269 -18.71 -5.53 -13.63
C ALA B 269 -18.57 -4.02 -13.43
N VAL B 270 -18.67 -3.53 -12.20
CA VAL B 270 -18.53 -2.08 -11.94
C VAL B 270 -17.10 -1.68 -12.31
N TRP B 271 -16.08 -2.46 -11.96
CA TRP B 271 -14.67 -2.10 -12.28
C TRP B 271 -14.44 -2.16 -13.78
N ALA B 272 -14.99 -3.16 -14.46
CA ALA B 272 -14.97 -3.26 -15.94
C ALA B 272 -15.55 -1.97 -16.49
N GLY B 273 -16.74 -1.57 -16.03
CA GLY B 273 -17.40 -0.34 -16.48
C GLY B 273 -16.53 0.89 -16.24
N ALA B 274 -15.92 0.99 -15.06
CA ALA B 274 -15.15 2.18 -14.65
C ALA B 274 -13.85 2.26 -15.47
N SER B 275 -13.18 1.12 -15.65
N SER B 275 -13.16 1.14 -15.66
CA SER B 275 -11.81 1.03 -16.22
CA SER B 275 -11.80 1.07 -16.23
C SER B 275 -11.89 0.94 -17.75
C SER B 275 -11.85 0.77 -17.74
N ASP B 276 -13.04 0.52 -18.29
CA ASP B 276 -13.24 0.34 -19.76
C ASP B 276 -14.46 1.12 -20.19
N PRO B 277 -14.29 2.42 -20.55
CA PRO B 277 -15.42 3.29 -20.86
C PRO B 277 -16.18 2.95 -22.15
N ARG B 278 -15.78 1.89 -22.85
CA ARG B 278 -16.49 1.39 -24.05
C ARG B 278 -17.87 0.89 -23.63
N PHE B 279 -18.03 0.43 -22.41
CA PHE B 279 -19.30 -0.14 -21.92
C PHE B 279 -20.28 1.01 -21.69
N ALA B 280 -21.52 0.81 -22.13
CA ALA B 280 -22.55 1.86 -22.29
C ALA B 280 -23.38 1.96 -21.02
N LEU B 281 -23.50 0.86 -20.29
CA LEU B 281 -24.36 0.76 -19.08
C LEU B 281 -23.79 -0.29 -18.14
N VAL B 282 -23.89 -0.05 -16.84
CA VAL B 282 -23.30 -0.95 -15.80
C VAL B 282 -24.43 -1.45 -14.91
N ILE B 283 -24.51 -2.77 -14.73
CA ILE B 283 -25.47 -3.37 -13.78
C ILE B 283 -24.68 -3.98 -12.61
N SER B 284 -24.84 -3.38 -11.43
CA SER B 284 -24.32 -3.88 -10.13
C SER B 284 -25.39 -4.72 -9.44
N GLY B 285 -25.30 -6.03 -9.56
CA GLY B 285 -26.17 -6.98 -8.83
C GLY B 285 -25.60 -7.35 -7.46
N ASN B 286 -26.10 -6.69 -6.40
CA ASN B 286 -25.72 -6.95 -5.00
C ASN B 286 -24.21 -6.91 -4.87
N SER B 287 -23.54 -5.90 -5.42
CA SER B 287 -22.06 -5.83 -5.45
C SER B 287 -21.52 -5.66 -4.02
N GLY B 288 -22.22 -4.85 -3.19
CA GLY B 288 -21.95 -4.73 -1.74
C GLY B 288 -20.56 -4.20 -1.41
N CYS B 289 -19.92 -4.82 -0.40
CA CYS B 289 -18.58 -4.45 0.15
C CYS B 289 -17.52 -4.42 -0.95
N CYS B 290 -16.80 -3.29 -1.07
CA CYS B 290 -15.76 -3.07 -2.10
C CYS B 290 -16.37 -3.17 -3.52
N GLY B 291 -17.71 -3.03 -3.62
CA GLY B 291 -18.42 -2.72 -4.87
C GLY B 291 -18.91 -1.29 -4.86
N VAL B 292 -20.23 -1.10 -4.72
CA VAL B 292 -20.84 0.27 -4.65
C VAL B 292 -21.11 0.68 -3.20
N ALA B 293 -21.12 -0.24 -2.22
CA ALA B 293 -21.40 0.08 -0.79
C ALA B 293 -20.26 0.92 -0.21
N ILE B 294 -20.64 1.98 0.52
CA ILE B 294 -19.71 2.90 1.24
C ILE B 294 -18.94 2.07 2.27
N SER B 295 -17.62 1.99 2.12
CA SER B 295 -16.72 1.23 3.03
C SER B 295 -16.78 1.85 4.43
N ARG B 296 -16.81 3.18 4.52
CA ARG B 296 -16.74 3.88 5.83
C ARG B 296 -17.91 3.51 6.75
N ARG B 297 -19.02 2.98 6.22
CA ARG B 297 -20.18 2.57 7.06
C ARG B 297 -19.82 1.34 7.93
N CYS B 298 -18.86 0.52 7.51
CA CYS B 298 -18.42 -0.69 8.27
C CYS B 298 -19.64 -1.54 8.67
N PHE B 299 -20.67 -1.56 7.81
CA PHE B 299 -21.93 -2.29 8.05
C PHE B 299 -21.86 -3.64 7.31
N GLY B 300 -22.25 -4.72 7.97
CA GLY B 300 -22.13 -6.08 7.40
C GLY B 300 -20.67 -6.36 7.09
N GLU B 301 -20.37 -6.75 5.85
CA GLU B 301 -18.98 -7.08 5.46
C GLU B 301 -18.12 -5.83 5.57
N THR B 302 -16.86 -5.98 6.02
CA THR B 302 -15.86 -4.90 6.07
C THR B 302 -14.69 -5.20 5.13
N VAL B 303 -13.81 -4.22 4.94
CA VAL B 303 -12.61 -4.40 4.07
C VAL B 303 -11.76 -5.53 4.65
N GLU B 304 -11.64 -5.65 5.97
CA GLU B 304 -10.79 -6.70 6.60
C GLU B 304 -11.42 -8.08 6.38
N ALA B 305 -12.72 -8.24 6.65
CA ALA B 305 -13.47 -9.47 6.37
C ALA B 305 -13.20 -9.91 4.93
N MET B 306 -13.26 -8.98 3.99
CA MET B 306 -13.11 -9.24 2.54
C MET B 306 -11.69 -9.73 2.22
N ASN B 307 -10.68 -8.93 2.58
CA ASN B 307 -9.24 -9.16 2.25
C ASN B 307 -8.70 -10.41 2.95
N VAL B 308 -9.18 -10.75 4.14
CA VAL B 308 -8.70 -11.93 4.93
C VAL B 308 -9.40 -13.20 4.41
N ARG B 309 -10.68 -13.13 4.07
CA ARG B 309 -11.37 -14.32 3.54
C ARG B 309 -11.01 -14.55 2.07
N PHE B 310 -10.72 -13.51 1.31
CA PHE B 310 -10.43 -13.58 -0.14
C PHE B 310 -9.16 -12.82 -0.47
N PRO B 311 -7.98 -13.30 -0.06
CA PRO B 311 -6.76 -12.53 -0.18
C PRO B 311 -6.37 -12.29 -1.64
N HIS B 312 -6.98 -13.01 -2.57
CA HIS B 312 -6.63 -12.98 -4.01
C HIS B 312 -7.49 -11.96 -4.77
N TRP B 313 -8.56 -11.43 -4.16
CA TRP B 313 -9.58 -10.62 -4.92
C TRP B 313 -9.04 -9.26 -5.33
N PHE B 314 -8.48 -8.54 -4.38
CA PHE B 314 -7.95 -7.17 -4.58
C PHE B 314 -6.42 -7.23 -4.60
N CYS B 315 -5.77 -6.16 -5.06
CA CYS B 315 -4.30 -6.06 -5.12
C CYS B 315 -3.69 -6.10 -3.72
N GLY B 316 -2.39 -6.36 -3.64
CA GLY B 316 -1.70 -6.42 -2.34
C GLY B 316 -1.92 -5.13 -1.57
N ASN B 317 -1.81 -3.98 -2.24
CA ASN B 317 -1.91 -2.64 -1.60
C ASN B 317 -3.21 -2.50 -0.82
N TYR B 318 -4.30 -3.13 -1.26
CA TYR B 318 -5.65 -2.89 -0.71
C TYR B 318 -5.70 -3.35 0.76
N LYS B 319 -4.81 -4.28 1.12
CA LYS B 319 -4.80 -4.92 2.45
C LYS B 319 -4.39 -3.90 3.50
N GLN B 320 -3.80 -2.78 3.11
CA GLN B 320 -3.43 -1.70 4.08
C GLN B 320 -4.68 -1.06 4.68
N PHE B 321 -5.88 -1.25 4.08
CA PHE B 321 -7.12 -0.56 4.54
C PHE B 321 -7.93 -1.46 5.49
N ASN B 322 -7.45 -2.68 5.77
CA ASN B 322 -8.08 -3.57 6.78
C ASN B 322 -8.23 -2.77 8.08
N ASP B 323 -9.46 -2.55 8.53
CA ASP B 323 -9.78 -1.85 9.80
C ASP B 323 -9.35 -0.37 9.74
N ARG B 324 -9.20 0.18 8.55
CA ARG B 324 -8.61 1.51 8.30
C ARG B 324 -9.40 2.20 7.17
N GLU B 325 -10.70 1.93 7.09
CA GLU B 325 -11.62 2.56 6.12
C GLU B 325 -11.50 4.08 6.21
N LYS B 326 -11.39 4.63 7.43
CA LYS B 326 -11.03 6.06 7.71
C LYS B 326 -9.99 6.58 6.72
N TYR B 327 -8.98 5.77 6.42
CA TYR B 327 -7.73 6.22 5.74
C TYR B 327 -7.77 5.86 4.25
N LEU B 328 -8.88 5.33 3.77
CA LEU B 328 -9.06 5.13 2.30
C LEU B 328 -8.93 6.50 1.63
N PRO B 329 -8.11 6.66 0.57
CA PRO B 329 -8.04 7.94 -0.14
C PRO B 329 -9.22 8.15 -1.10
N PHE B 330 -10.23 7.28 -1.01
CA PHE B 330 -11.48 7.32 -1.80
C PHE B 330 -12.57 6.61 -1.02
N ASP B 331 -13.80 6.64 -1.52
CA ASP B 331 -14.80 5.61 -1.15
C ASP B 331 -15.57 5.23 -2.40
N GLN B 332 -16.52 4.32 -2.26
CA GLN B 332 -17.10 3.59 -3.43
C GLN B 332 -17.98 4.53 -4.25
N HIS B 333 -18.45 5.64 -3.68
CA HIS B 333 -19.21 6.66 -4.46
C HIS B 333 -18.34 7.21 -5.61
N GLU B 334 -17.02 7.29 -5.40
CA GLU B 334 -16.05 7.73 -6.43
C GLU B 334 -15.85 6.64 -7.50
N LEU B 335 -16.04 5.37 -7.15
CA LEU B 335 -16.05 4.29 -8.16
C LEU B 335 -17.27 4.47 -9.07
N VAL B 336 -18.45 4.74 -8.52
CA VAL B 336 -19.67 5.00 -9.32
C VAL B 336 -19.47 6.27 -10.16
N ALA B 337 -18.81 7.29 -9.61
CA ALA B 337 -18.49 8.54 -10.33
C ALA B 337 -17.72 8.21 -11.62
N LEU B 338 -16.85 7.20 -11.61
CA LEU B 338 -16.05 6.81 -12.81
C LEU B 338 -16.98 6.34 -13.95
N ILE B 339 -18.19 5.87 -13.65
CA ILE B 339 -19.16 5.44 -14.71
C ILE B 339 -19.69 6.69 -15.44
N ALA B 340 -19.91 7.79 -14.71
CA ALA B 340 -20.52 9.03 -15.25
C ALA B 340 -19.82 9.47 -16.54
N PRO B 341 -20.55 9.97 -17.57
CA PRO B 341 -22.01 10.11 -17.54
C PRO B 341 -22.81 8.88 -18.00
N ARG B 342 -22.17 7.71 -18.13
CA ARG B 342 -22.84 6.46 -18.53
C ARG B 342 -23.78 6.00 -17.41
N PRO B 343 -24.92 5.36 -17.74
CA PRO B 343 -25.85 4.86 -16.73
C PRO B 343 -25.33 3.64 -15.97
N ILE B 344 -25.83 3.48 -14.75
CA ILE B 344 -25.50 2.34 -13.84
C ILE B 344 -26.77 2.01 -13.09
N TYR B 345 -27.06 0.72 -12.96
CA TYR B 345 -28.17 0.21 -12.12
C TYR B 345 -27.54 -0.49 -10.90
N ILE B 346 -27.83 0.03 -9.72
CA ILE B 346 -27.51 -0.58 -8.39
C ILE B 346 -28.75 -1.35 -7.88
N ALA B 347 -28.63 -2.67 -7.78
CA ALA B 347 -29.68 -3.56 -7.25
C ALA B 347 -29.23 -4.10 -5.89
N SER B 348 -30.07 -3.93 -4.86
CA SER B 348 -29.93 -4.54 -3.51
C SER B 348 -31.04 -5.58 -3.32
N ALA B 349 -30.77 -6.51 -2.41
CA ALA B 349 -31.72 -7.53 -1.91
C ALA B 349 -31.91 -7.29 -0.40
N GLU B 350 -33.16 -7.38 0.06
CA GLU B 350 -33.64 -6.98 1.40
C GLU B 350 -33.05 -7.87 2.49
N GLU B 351 -32.75 -9.13 2.18
CA GLU B 351 -32.20 -10.11 3.16
C GLU B 351 -30.66 -10.02 3.18
N ASP B 352 -30.08 -9.33 2.20
CA ASP B 352 -28.61 -9.33 1.98
C ASP B 352 -27.97 -8.25 2.88
N ASN B 353 -28.09 -8.40 4.21
CA ASN B 353 -27.62 -7.38 5.17
C ASN B 353 -26.08 -7.31 5.09
N TRP B 354 -25.43 -8.43 4.77
CA TRP B 354 -23.96 -8.54 4.64
C TRP B 354 -23.47 -7.49 3.62
N SER B 355 -24.27 -7.23 2.59
CA SER B 355 -23.92 -6.36 1.43
C SER B 355 -23.98 -4.87 1.79
N ASP B 356 -24.73 -4.50 2.84
CA ASP B 356 -25.04 -3.11 3.24
C ASP B 356 -25.90 -2.40 2.16
N GLN B 357 -27.17 -2.79 2.05
CA GLN B 357 -28.13 -2.29 1.03
C GLN B 357 -28.14 -0.76 1.06
N LYS B 358 -28.27 -0.16 2.25
CA LYS B 358 -28.26 1.32 2.39
C LYS B 358 -26.94 1.91 1.89
N GLY B 359 -25.80 1.32 2.21
CA GLY B 359 -24.50 1.80 1.73
C GLY B 359 -24.41 1.70 0.22
N GLU B 360 -25.06 0.71 -0.38
CA GLU B 360 -25.12 0.54 -1.86
C GLU B 360 -25.83 1.74 -2.48
N PHE B 361 -26.98 2.11 -1.91
CA PHE B 361 -27.79 3.29 -2.32
C PHE B 361 -26.93 4.56 -2.19
N LEU B 362 -26.22 4.69 -1.08
CA LEU B 362 -25.40 5.88 -0.74
C LEU B 362 -24.16 5.97 -1.64
N GLY B 363 -23.64 4.85 -2.15
CA GLY B 363 -22.59 4.85 -3.17
C GLY B 363 -23.08 5.50 -4.45
N GLY B 364 -24.30 5.14 -4.86
CA GLY B 364 -25.06 5.86 -5.90
C GLY B 364 -25.24 7.33 -5.57
N LYS B 365 -25.84 7.66 -4.43
CA LYS B 365 -26.11 9.08 -4.05
C LYS B 365 -24.82 9.90 -4.14
N GLY B 366 -23.70 9.38 -3.68
CA GLY B 366 -22.45 10.16 -3.56
C GLY B 366 -21.84 10.49 -4.91
N ALA B 367 -22.34 9.88 -6.00
CA ALA B 367 -21.81 10.10 -7.36
C ALA B 367 -22.59 11.23 -8.07
N GLU B 368 -23.72 11.67 -7.51
CA GLU B 368 -24.68 12.61 -8.17
C GLU B 368 -24.02 13.91 -8.58
N PRO B 369 -23.14 14.52 -7.74
CA PRO B 369 -22.46 15.75 -8.14
C PRO B 369 -21.70 15.67 -9.48
N VAL B 370 -21.15 14.49 -9.84
CA VAL B 370 -20.39 14.30 -11.10
C VAL B 370 -21.40 14.24 -12.24
N TYR B 371 -22.45 13.44 -12.12
CA TYR B 371 -23.52 13.36 -13.14
C TYR B 371 -24.08 14.78 -13.38
N ALA B 372 -24.20 15.62 -12.34
CA ALA B 372 -24.71 17.02 -12.44
C ALA B 372 -23.81 17.88 -13.34
N LEU B 373 -22.50 17.63 -13.37
CA LEU B 373 -21.59 18.32 -14.33
C LEU B 373 -22.09 18.13 -15.77
N TYR B 374 -22.71 16.99 -16.08
CA TYR B 374 -23.21 16.69 -17.45
C TYR B 374 -24.66 17.14 -17.58
N GLY B 375 -25.17 17.93 -16.63
CA GLY B 375 -26.57 18.37 -16.63
C GLY B 375 -27.53 17.21 -16.47
N LEU B 376 -27.08 16.08 -15.92
CA LEU B 376 -27.95 14.91 -15.61
C LEU B 376 -28.36 14.98 -14.13
N GLY B 377 -29.60 14.59 -13.84
CA GLY B 377 -30.13 14.50 -12.47
C GLY B 377 -29.56 13.30 -11.72
N GLY B 378 -30.10 13.01 -10.54
CA GLY B 378 -29.66 11.93 -9.65
C GLY B 378 -30.64 10.78 -9.64
N ILE B 379 -30.67 10.03 -8.53
CA ILE B 379 -31.52 8.81 -8.38
C ILE B 379 -33.00 9.23 -8.38
N GLY B 380 -33.32 10.39 -7.78
CA GLY B 380 -34.67 10.99 -7.74
C GLY B 380 -35.29 10.97 -6.35
N CYS B 381 -34.53 10.59 -5.32
CA CYS B 381 -34.97 10.64 -3.89
C CYS B 381 -33.76 10.87 -2.97
N GLU B 382 -34.04 11.35 -1.76
CA GLU B 382 -33.02 11.78 -0.74
C GLU B 382 -32.72 10.63 0.24
N GLU B 383 -33.73 9.84 0.61
CA GLU B 383 -33.63 8.69 1.56
C GLU B 383 -33.69 7.38 0.78
N MET B 384 -33.02 6.34 1.27
CA MET B 384 -33.14 4.97 0.74
C MET B 384 -34.63 4.67 0.61
N PRO B 385 -35.15 4.39 -0.61
CA PRO B 385 -36.57 4.07 -0.79
C PRO B 385 -37.00 2.74 -0.17
N PRO B 386 -38.32 2.49 -0.02
CA PRO B 386 -38.79 1.22 0.54
C PRO B 386 -38.54 0.05 -0.42
N VAL B 387 -38.73 -1.16 0.07
CA VAL B 387 -38.60 -2.42 -0.69
C VAL B 387 -39.51 -2.35 -1.92
N ASP B 388 -39.12 -3.04 -3.00
CA ASP B 388 -39.88 -3.23 -4.26
C ASP B 388 -40.33 -1.87 -4.81
N THR B 389 -39.47 -0.84 -4.75
CA THR B 389 -39.75 0.53 -5.23
C THR B 389 -38.58 1.06 -6.05
N PRO B 390 -38.49 0.73 -7.36
CA PRO B 390 -37.36 1.15 -8.19
C PRO B 390 -37.41 2.67 -8.49
N TYR B 391 -36.26 3.33 -8.45
CA TYR B 391 -36.03 4.68 -9.00
C TYR B 391 -35.09 4.53 -10.19
N MET B 392 -35.55 4.86 -11.40
CA MET B 392 -34.76 4.62 -12.63
C MET B 392 -35.06 5.69 -13.69
N ASN B 393 -35.48 6.89 -13.29
CA ASN B 393 -35.75 8.01 -14.23
C ASN B 393 -34.53 8.94 -14.31
N GLY B 394 -33.48 8.68 -13.52
CA GLY B 394 -32.18 9.37 -13.62
C GLY B 394 -31.10 8.47 -14.24
N PRO B 395 -29.84 8.94 -14.32
CA PRO B 395 -28.75 8.15 -14.88
C PRO B 395 -28.23 7.10 -13.89
N ILE B 396 -28.53 7.26 -12.60
CA ILE B 396 -28.27 6.24 -11.54
C ILE B 396 -29.60 5.62 -11.15
N ALA B 397 -29.80 4.34 -11.43
CA ALA B 397 -30.99 3.58 -10.99
C ALA B 397 -30.67 2.79 -9.72
N TYR B 398 -31.68 2.62 -8.86
CA TYR B 398 -31.60 1.83 -7.61
C TYR B 398 -32.93 1.12 -7.36
N HIS B 399 -32.84 -0.13 -6.90
CA HIS B 399 -33.96 -0.76 -6.15
C HIS B 399 -33.38 -1.68 -5.07
N ASN B 400 -34.13 -1.82 -3.97
CA ASN B 400 -33.98 -2.85 -2.92
C ASN B 400 -35.20 -3.76 -3.02
N ARG B 401 -35.01 -5.00 -3.47
CA ARG B 401 -36.15 -5.93 -3.67
C ARG B 401 -36.23 -6.93 -2.52
N LYS B 402 -37.41 -7.49 -2.33
CA LYS B 402 -37.72 -8.55 -1.34
C LYS B 402 -36.92 -9.81 -1.70
N GLY B 403 -36.51 -10.56 -0.66
CA GLY B 403 -35.94 -11.92 -0.78
C GLY B 403 -34.42 -11.90 -0.69
N PRO B 404 -33.77 -12.99 -1.16
CA PRO B 404 -32.36 -13.22 -0.88
C PRO B 404 -31.38 -12.69 -1.93
N HIS B 405 -30.12 -12.62 -1.51
CA HIS B 405 -28.91 -12.38 -2.34
C HIS B 405 -28.98 -13.24 -3.59
N ALA B 406 -29.36 -12.66 -4.73
CA ALA B 406 -29.54 -13.37 -6.02
C ALA B 406 -29.78 -12.36 -7.14
N VAL B 407 -29.72 -12.84 -8.38
CA VAL B 407 -30.33 -12.20 -9.58
C VAL B 407 -31.63 -12.97 -9.85
N LEU B 408 -32.78 -12.30 -9.71
CA LEU B 408 -34.13 -12.89 -9.86
C LEU B 408 -34.82 -12.28 -11.07
N PRO B 409 -35.90 -12.93 -11.59
CA PRO B 409 -36.66 -12.38 -12.71
C PRO B 409 -37.01 -10.90 -12.50
N TYR B 410 -37.45 -10.56 -11.29
CA TYR B 410 -37.83 -9.19 -10.90
C TYR B 410 -36.68 -8.21 -11.18
N ASP B 411 -35.43 -8.59 -10.86
CA ASP B 411 -34.26 -7.71 -11.12
C ASP B 411 -34.17 -7.43 -12.62
N TRP B 412 -34.23 -8.48 -13.44
CA TRP B 412 -34.09 -8.40 -14.92
C TRP B 412 -35.21 -7.58 -15.53
N GLU B 413 -36.45 -7.73 -15.04
CA GLU B 413 -37.58 -6.83 -15.41
C GLU B 413 -37.08 -5.38 -15.33
N GLN B 414 -36.42 -5.01 -14.24
CA GLN B 414 -36.06 -3.59 -13.96
C GLN B 414 -34.88 -3.17 -14.84
N PHE B 415 -33.90 -4.06 -15.02
CA PHE B 415 -32.67 -3.80 -15.80
C PHE B 415 -33.04 -3.54 -17.27
N LEU B 416 -33.99 -4.32 -17.80
CA LEU B 416 -34.45 -4.24 -19.21
C LEU B 416 -35.20 -2.93 -19.43
N ARG B 417 -36.16 -2.63 -18.56
CA ARG B 417 -36.89 -1.32 -18.52
C ARG B 417 -35.90 -0.15 -18.49
N PHE B 418 -34.84 -0.22 -17.68
CA PHE B 418 -33.80 0.82 -17.60
C PHE B 418 -33.05 0.86 -18.93
N ALA B 419 -32.57 -0.29 -19.38
CA ALA B 419 -31.75 -0.42 -20.61
C ALA B 419 -32.56 0.10 -21.82
N ASP B 420 -33.89 -0.04 -21.79
CA ASP B 420 -34.80 0.41 -22.89
C ASP B 420 -34.65 1.92 -23.06
N LYS B 421 -34.54 2.65 -21.96
CA LYS B 421 -34.45 4.13 -21.95
C LYS B 421 -33.21 4.61 -22.71
N TYR B 422 -32.16 3.79 -22.82
CA TYR B 422 -30.87 4.14 -23.45
C TYR B 422 -30.72 3.45 -24.80
N PHE B 423 -31.31 2.26 -24.98
CA PHE B 423 -30.97 1.35 -26.10
C PHE B 423 -32.01 1.44 -27.23
N LYS B 424 -33.25 1.81 -26.95
CA LYS B 424 -34.30 1.99 -28.01
C LYS B 424 -34.04 3.29 -28.78
C1 GCU C . 8.43 -0.89 21.40
C2 GCU C . 8.37 -1.24 19.92
C3 GCU C . 9.77 -1.57 19.40
C4 GCU C . 10.67 -0.36 19.60
C5 GCU C . 10.62 0.00 21.10
C6 GCU C . 11.32 1.26 21.50
O1 GCU C . 9.00 -2.00 22.08
O2 GCU C . 7.47 -2.31 19.78
O3 GCU C . 9.79 -1.87 18.02
O4 GCU C . 11.96 -0.70 19.07
O5 GCU C . 9.28 0.23 21.54
O6A GCU C . 11.32 2.25 20.76
O6B GCU C . 11.86 1.30 22.63
C1 PEG D . 34.42 -14.35 2.43
O1 PEG D . 34.40 -15.65 2.99
C2 PEG D . 35.46 -14.19 1.36
O2 PEG D . 35.92 -12.84 1.27
C3 PEG D . 36.97 -12.52 2.19
C4 PEG D . 37.71 -11.29 1.75
O4 PEG D . 37.72 -10.26 2.73
CL CL E . 22.60 18.32 28.31
CL CL F . 37.00 -5.29 5.49
CL CL G . 17.63 9.21 24.69
C1 GCU H . -18.97 -13.49 -0.08
C2 GCU H . -18.29 -12.13 -0.02
C3 GCU H . -19.14 -11.08 -0.71
C4 GCU H . -19.49 -11.51 -2.13
C5 GCU H . -20.15 -12.90 -2.08
C6 GCU H . -20.40 -13.53 -3.44
O1 GCU H . -20.23 -13.43 0.59
O2 GCU H . -18.08 -11.75 1.33
O3 GCU H . -18.37 -9.87 -0.78
O4 GCU H . -20.30 -10.47 -2.71
O5 GCU H . -19.25 -13.80 -1.43
O6A GCU H . -21.39 -14.28 -3.52
O6B GCU H . -19.66 -13.31 -4.44
C1 EDO I . -20.65 -14.84 5.64
O1 EDO I . -21.66 -14.38 6.54
C2 EDO I . -20.02 -16.12 6.06
O2 EDO I . -18.94 -16.00 6.98
CL CL J . -4.00 -17.60 -24.24
CL CL K . -1.54 -9.54 -3.11
CL CL L . -14.02 9.09 7.75
CL CL M . 0.07 -5.74 -14.93
#